data_8GY6
#
_entry.id   8GY6
#
loop_
_entity.id
_entity.type
_entity.pdbx_description
1 polymer 'RNA-directed RNA polymerase'
2 polymer 'Non-structural protein 8'
3 polymer 'Non-structural protein 7'
4 non-polymer Gossypol
#
loop_
_entity_poly.entity_id
_entity_poly.type
_entity_poly.pdbx_seq_one_letter_code
_entity_poly.pdbx_strand_id
1 'polypeptide(L)'
;SADAQSFLNRVCGVSAARLTPCGTGTSTDVVYRAFDIYNDKVAGFAKFLKTNCCRFQEKDEDDNLIDSYFVVKRHTFSNY
QHEETIYNLLKDCPAVAKHDFFKFRIDGDMVPHISRQRLTKYTMADLVYALRHFDEGNCDTLKEILVTYNCCDDDYFNKK
DWYDFVENPDILRVYANLGERVRQALLKTVQFCDAMRNAGIVGVLTLDNQDLNGNWYDFGDFIQTTPGSGVPVVDSYYSL
LMPILTLTRALTAESHVDTDLTKPYIKWDLLKYDFTEERLKLFDRYFKYWDQTYHPNCVNCLDDRCILHCANFNVLFSTV
FPPTSFGPLVRKIFVDGVPFVVSTGYHFRELGVVHNQDVNLHSSRLSFKELLVYAADPAMHAASGNLLLDKRTTCFSVAA
LTNNVAFQTVKPGNFNKDFYDFAVSKGFFKEGSSVELKHFFFAQDGNAAISDYDYYRYNLPTMCDIRQLLFVVEVVDKYF
DCYDGGCINANQVIVNNLDKSAGFPFNKWGKARLYYDSMSYEDQDALFAYTKRNVIPTITQMNLKYAISAKNRARTVAGV
SICSTMTNRQFHQKLLKSIAATRGATVVIGTSKFYGGWHNMLKTVYSDVENPHLMGWDYPKCDRAMPNMLRIMASLVLAR
KHTTCCSLSHRFYRLANECAQVLSEMVMCGGSLYVKPGGTSSGDATTAYANSVFNICQAVTANVNALLSTDGNKIADKYV
RNLQHRLYECLYRNRDVDTDFVNEFYAYLRKHFSMMILSDDAVVCFNSTYASQGLVASIKNFKSVLYYQNNVFMSEAKCW
TETDLTKGPHEFCSQHTMLVKQGDDYVYLPYPDPSRILGAGCFVDDIVKTDGTLMIERFVSLAIDAYPLTKHPNQEYADV
FHLYLQYIRKLHDELTGHMLDMYSVMLTNDNTSRYWEPEFYEAMYTPHTVLQ
;
A
2 'polypeptide(L)'
;AIASEFSSLPSYAAFATAQEAYEQAVANGDSEVVLKKLKKSLNVAKSEFDRDAAMQRKLEKMADQAMTQMYKQARSEDKR
AKVTSAMQTMLFTMLRKLDNDALNNIINNARDGCVPLNIIPLTTAAKLMVVIPDYNTYKNTCDGTTFTYASALWEIQQVV
DADSKIVQLSEISMDNSPNLAWPLIVTALRANSAVKLQ
;
B,D
3 'polypeptide(L)'
;SKMSDVKCTSVVLLSVLQQLRVESSSKLWAQCVQLHNDILLAKDTTEAFEKMVSLLSVLLSMQGAVDINKLCEEMLDNRA
TLQ
;
C
#
loop_
_chem_comp.id
_chem_comp.type
_chem_comp.name
_chem_comp.formula
GO3 non-polymer Gossypol 'C30 H30 O8'
#
# COMPACT_ATOMS: atom_id res chain seq x y z
N VAL A 31 -3.06 -31.83 21.46
CA VAL A 31 -1.62 -31.87 21.24
C VAL A 31 -1.30 -31.60 19.78
N TYR A 32 -1.84 -30.49 19.26
CA TYR A 32 -1.65 -30.10 17.87
C TYR A 32 -0.92 -28.76 17.82
N ARG A 33 0.16 -28.70 17.05
CA ARG A 33 0.93 -27.46 16.92
C ARG A 33 1.42 -27.30 15.48
N ALA A 34 2.30 -26.34 15.26
CA ALA A 34 2.95 -26.24 13.97
C ALA A 34 4.23 -27.06 13.97
N PHE A 35 4.76 -27.30 12.77
CA PHE A 35 5.95 -28.10 12.62
C PHE A 35 6.58 -27.77 11.29
N ASP A 36 7.82 -28.21 11.12
CA ASP A 36 8.50 -28.16 9.83
C ASP A 36 9.13 -29.50 9.58
N ILE A 37 8.88 -30.05 8.40
CA ILE A 37 9.35 -31.38 8.05
C ILE A 37 9.79 -31.36 6.59
N TYR A 38 10.95 -31.96 6.33
CA TYR A 38 11.34 -32.29 4.96
C TYR A 38 12.22 -33.54 5.04
N ASN A 39 11.58 -34.69 4.97
CA ASN A 39 12.24 -35.97 4.83
C ASN A 39 12.30 -36.33 3.34
N ASP A 40 12.60 -37.60 3.06
CA ASP A 40 12.62 -38.06 1.67
C ASP A 40 11.28 -37.83 0.97
N LYS A 41 10.17 -38.01 1.69
CA LYS A 41 8.85 -38.00 1.06
C LYS A 41 7.98 -36.83 1.48
N VAL A 42 7.68 -36.70 2.77
CA VAL A 42 6.80 -35.64 3.24
C VAL A 42 7.65 -34.42 3.56
N ALA A 43 7.41 -33.32 2.84
CA ALA A 43 8.19 -32.10 2.99
C ALA A 43 7.18 -30.97 3.17
N GLY A 44 6.75 -30.73 4.41
CA GLY A 44 5.60 -29.89 4.64
C GLY A 44 5.77 -28.99 5.85
N PHE A 45 4.89 -27.99 5.92
CA PHE A 45 4.87 -26.95 6.94
C PHE A 45 3.41 -26.69 7.28
N ALA A 46 2.85 -27.49 8.19
CA ALA A 46 1.43 -27.44 8.46
C ALA A 46 1.19 -27.63 9.94
N LYS A 47 -0.06 -27.46 10.33
CA LYS A 47 -0.46 -27.73 11.71
C LYS A 47 -0.60 -29.25 11.89
N PHE A 48 0.54 -29.92 11.83
CA PHE A 48 0.56 -31.36 11.98
C PHE A 48 0.05 -31.77 13.35
N LEU A 49 -0.54 -32.96 13.42
CA LEU A 49 -1.05 -33.53 14.66
C LEU A 49 -0.06 -34.56 15.17
N LYS A 50 0.39 -34.38 16.41
CA LYS A 50 1.31 -35.33 17.03
C LYS A 50 0.87 -35.65 18.46
N TYR A 69 8.07 -26.80 29.27
CA TYR A 69 8.48 -27.18 30.60
C TYR A 69 8.30 -28.68 30.85
N PHE A 70 9.43 -29.41 30.81
CA PHE A 70 9.46 -30.84 31.13
C PHE A 70 8.54 -31.65 30.21
N VAL A 71 8.85 -31.64 28.93
CA VAL A 71 8.10 -32.39 27.93
C VAL A 71 8.75 -33.77 27.77
N VAL A 72 8.06 -34.79 28.26
CA VAL A 72 8.63 -36.13 28.30
C VAL A 72 8.47 -36.81 26.94
N LYS A 73 9.44 -37.63 26.58
CA LYS A 73 9.43 -38.36 25.32
C LYS A 73 8.92 -39.77 25.56
N ARG A 74 9.02 -40.62 24.54
CA ARG A 74 8.62 -42.01 24.65
C ARG A 74 9.83 -42.93 24.76
N THR A 76 13.20 -44.79 21.63
CA THR A 76 14.41 -45.11 20.89
C THR A 76 15.63 -45.11 21.81
N PHE A 77 16.62 -45.95 21.48
CA PHE A 77 17.82 -46.09 22.28
C PHE A 77 19.04 -45.43 21.66
N SER A 78 19.35 -45.75 20.40
CA SER A 78 20.48 -45.12 19.75
C SER A 78 20.25 -43.62 19.57
N ASN A 79 19.02 -43.23 19.24
CA ASN A 79 18.75 -41.83 18.94
C ASN A 79 18.89 -40.96 20.19
N TYR A 80 18.31 -41.39 21.31
CA TYR A 80 18.47 -40.58 22.52
C TYR A 80 19.85 -40.73 23.12
N GLN A 81 20.56 -41.84 22.84
CA GLN A 81 21.97 -41.91 23.20
C GLN A 81 22.76 -40.83 22.48
N HIS A 82 22.53 -40.68 21.17
CA HIS A 82 23.20 -39.65 20.41
C HIS A 82 22.77 -38.26 20.87
N GLU A 83 21.50 -38.11 21.26
CA GLU A 83 21.03 -36.85 21.80
C GLU A 83 21.78 -36.49 23.08
N GLU A 84 21.92 -37.45 23.98
CA GLU A 84 22.69 -37.23 25.21
C GLU A 84 24.13 -36.87 24.89
N THR A 85 24.73 -37.56 23.92
CA THR A 85 26.12 -37.28 23.58
C THR A 85 26.29 -35.86 23.06
N ILE A 86 25.38 -35.42 22.18
CA ILE A 86 25.47 -34.05 21.66
C ILE A 86 25.19 -33.04 22.76
N TYR A 87 24.24 -33.33 23.64
CA TYR A 87 23.98 -32.42 24.76
C TYR A 87 25.19 -32.31 25.66
N ASN A 88 25.94 -33.40 25.83
CA ASN A 88 27.16 -33.36 26.61
C ASN A 88 28.31 -32.69 25.87
N LEU A 89 28.28 -32.67 24.54
CA LEU A 89 29.27 -31.90 23.80
C LEU A 89 28.91 -30.42 23.76
N LEU A 90 27.64 -30.10 23.52
CA LEU A 90 27.20 -28.71 23.43
C LEU A 90 26.19 -28.44 24.55
N LYS A 91 26.70 -27.90 25.66
CA LYS A 91 25.83 -27.39 26.72
C LYS A 91 26.27 -26.05 27.29
N ASP A 92 27.53 -25.64 27.15
CA ASP A 92 28.00 -24.40 27.77
C ASP A 92 27.84 -23.19 26.87
N CYS A 93 26.64 -23.04 26.33
CA CYS A 93 26.25 -21.83 25.63
C CYS A 93 24.98 -21.29 26.26
N PRO A 94 24.89 -20.00 26.51
CA PRO A 94 23.71 -19.41 27.14
C PRO A 94 22.53 -19.25 26.18
N ALA A 95 22.24 -20.30 25.41
CA ALA A 95 21.07 -20.31 24.54
C ALA A 95 20.42 -21.69 24.43
N VAL A 96 20.66 -22.60 25.36
CA VAL A 96 20.20 -23.97 25.26
C VAL A 96 19.31 -24.27 26.45
N ALA A 97 18.07 -24.64 26.19
CA ALA A 97 17.20 -25.11 27.26
C ALA A 97 17.80 -26.37 27.87
N LYS A 98 17.68 -26.48 29.19
CA LYS A 98 18.17 -27.67 29.87
C LYS A 98 17.49 -28.91 29.33
N HIS A 99 18.17 -30.04 29.42
CA HIS A 99 17.67 -31.31 28.92
C HIS A 99 17.66 -32.34 30.03
N ASP A 100 17.27 -33.57 29.68
CA ASP A 100 17.21 -34.67 30.63
C ASP A 100 17.27 -35.97 29.84
N PHE A 101 18.39 -36.68 29.93
CA PHE A 101 18.52 -37.95 29.22
C PHE A 101 17.74 -39.08 29.89
N PHE A 102 17.15 -38.84 31.05
CA PHE A 102 16.39 -39.88 31.76
C PHE A 102 15.09 -40.20 31.03
N PRO A 112 13.51 -43.88 27.47
CA PRO A 112 13.99 -43.15 26.29
C PRO A 112 13.38 -41.76 26.19
N HIS A 113 13.47 -41.00 27.27
CA HIS A 113 12.81 -39.70 27.39
C HIS A 113 13.86 -38.60 27.28
N ILE A 114 13.87 -37.91 26.15
CA ILE A 114 14.74 -36.75 25.95
C ILE A 114 13.87 -35.52 26.17
N SER A 115 13.83 -35.06 27.41
CA SER A 115 12.94 -33.98 27.81
C SER A 115 13.63 -32.62 27.73
N ARG A 116 12.85 -31.58 27.97
CA ARG A 116 13.34 -30.20 27.99
C ARG A 116 12.94 -29.52 29.29
N GLN A 117 13.13 -28.21 29.39
CA GLN A 117 12.79 -27.49 30.60
C GLN A 117 12.73 -26.00 30.29
N ARG A 118 11.89 -25.28 31.05
CA ARG A 118 11.74 -23.83 30.92
C ARG A 118 11.29 -23.44 29.52
N LEU A 119 10.31 -24.18 28.99
CA LEU A 119 9.83 -23.97 27.64
C LEU A 119 8.47 -23.30 27.68
N THR A 120 8.36 -22.13 27.05
CA THR A 120 7.07 -21.50 26.85
C THR A 120 6.09 -22.50 26.24
N LYS A 121 4.86 -22.50 26.75
CA LYS A 121 3.85 -23.43 26.25
C LYS A 121 3.71 -23.34 24.75
N TYR A 122 3.85 -22.15 24.19
CA TYR A 122 3.87 -21.94 22.75
C TYR A 122 5.31 -21.63 22.35
N THR A 123 5.86 -22.44 21.45
CA THR A 123 7.21 -22.23 20.97
C THR A 123 7.24 -21.13 19.92
N MET A 124 8.45 -20.71 19.56
CA MET A 124 8.60 -19.73 18.51
C MET A 124 7.87 -20.17 17.25
N ALA A 125 7.87 -21.47 16.99
CA ALA A 125 7.21 -22.01 15.80
C ALA A 125 5.77 -21.55 15.77
N ASP A 126 4.99 -22.00 16.74
CA ASP A 126 3.58 -21.69 16.78
C ASP A 126 3.33 -20.20 16.65
N LEU A 127 4.21 -19.38 17.21
CA LEU A 127 4.07 -17.95 17.02
C LEU A 127 4.17 -17.60 15.54
N VAL A 128 5.25 -18.04 14.90
CA VAL A 128 5.44 -17.71 13.50
C VAL A 128 4.29 -18.25 12.67
N TYR A 129 3.81 -19.43 13.02
CA TYR A 129 2.70 -20.05 12.31
C TYR A 129 1.46 -19.19 12.45
N ALA A 130 0.98 -19.07 13.68
CA ALA A 130 -0.23 -18.31 13.96
C ALA A 130 -0.19 -16.96 13.30
N LEU A 131 0.96 -16.31 13.28
CA LEU A 131 1.04 -15.09 12.49
C LEU A 131 0.88 -15.39 11.01
N ARG A 132 1.56 -16.44 10.53
CA ARG A 132 1.55 -16.75 9.10
C ARG A 132 0.19 -17.22 8.63
N HIS A 133 -0.59 -17.88 9.50
CA HIS A 133 -1.91 -18.42 9.14
C HIS A 133 -2.95 -17.90 10.15
N PHE A 134 -3.45 -16.69 9.93
CA PHE A 134 -4.36 -16.09 10.88
C PHE A 134 -5.79 -16.28 10.41
N ASP A 135 -6.66 -16.65 11.34
CA ASP A 135 -8.07 -16.83 11.06
C ASP A 135 -8.87 -16.12 12.15
N GLU A 136 -9.56 -15.04 11.78
CA GLU A 136 -10.44 -14.37 12.74
C GLU A 136 -11.51 -15.32 13.26
N GLY A 137 -11.79 -16.38 12.51
CA GLY A 137 -12.60 -17.44 13.07
C GLY A 137 -11.81 -18.18 14.13
N ASN A 138 -10.79 -18.90 13.71
CA ASN A 138 -9.93 -19.67 14.62
C ASN A 138 -8.69 -18.83 14.89
N CYS A 139 -8.70 -18.12 16.01
CA CYS A 139 -7.63 -17.21 16.37
C CYS A 139 -7.19 -17.43 17.80
N ASP A 140 -7.23 -18.69 18.27
CA ASP A 140 -6.85 -18.99 19.64
C ASP A 140 -5.40 -18.60 19.91
N THR A 141 -4.49 -18.99 19.02
CA THR A 141 -3.07 -18.92 19.34
C THR A 141 -2.56 -17.49 19.39
N LEU A 142 -2.87 -16.68 18.37
CA LEU A 142 -2.39 -15.30 18.39
C LEU A 142 -2.92 -14.56 19.61
N LYS A 143 -4.19 -14.76 19.94
CA LYS A 143 -4.76 -14.14 21.13
C LYS A 143 -4.01 -14.57 22.38
N GLU A 144 -3.92 -15.88 22.61
CA GLU A 144 -3.29 -16.38 23.82
C GLU A 144 -1.87 -15.88 23.95
N ILE A 145 -1.14 -15.82 22.85
CA ILE A 145 0.23 -15.35 22.91
C ILE A 145 0.26 -13.86 23.25
N LEU A 146 -0.48 -13.06 22.50
CA LEU A 146 -0.47 -11.62 22.76
C LEU A 146 -0.90 -11.29 24.17
N VAL A 147 -1.67 -12.14 24.82
CA VAL A 147 -2.11 -11.84 26.18
C VAL A 147 -1.11 -12.33 27.21
N THR A 148 -0.68 -13.59 27.11
CA THR A 148 0.21 -14.13 28.14
C THR A 148 1.48 -13.30 28.25
N TYR A 149 1.87 -12.60 27.20
CA TYR A 149 3.13 -11.86 27.17
C TYR A 149 2.90 -10.36 27.08
N ASN A 150 1.96 -9.88 27.88
CA ASN A 150 1.91 -8.49 28.35
C ASN A 150 1.92 -7.50 27.19
N CYS A 151 0.84 -7.55 26.44
CA CYS A 151 0.52 -6.55 25.44
C CYS A 151 -0.83 -5.92 25.69
N CYS A 152 -1.76 -6.67 26.28
CA CYS A 152 -3.08 -6.27 26.75
C CYS A 152 -3.69 -7.51 27.36
N ASP A 153 -4.79 -7.32 28.10
CA ASP A 153 -5.46 -8.43 28.76
C ASP A 153 -6.56 -8.99 27.87
N ASP A 154 -6.93 -10.25 28.17
CA ASP A 154 -7.94 -10.96 27.37
C ASP A 154 -9.16 -10.12 27.10
N ASP A 155 -9.53 -9.24 28.03
CA ASP A 155 -10.63 -8.34 27.83
C ASP A 155 -10.36 -7.30 26.77
N TYR A 156 -9.13 -7.18 26.27
CA TYR A 156 -8.91 -6.34 25.10
C TYR A 156 -9.55 -6.92 23.86
N PHE A 157 -10.02 -8.16 23.93
CA PHE A 157 -10.63 -8.83 22.79
C PHE A 157 -12.13 -8.56 22.71
N ASN A 158 -12.48 -7.28 22.72
CA ASN A 158 -13.84 -6.84 22.47
C ASN A 158 -13.90 -5.68 21.52
N LYS A 159 -12.83 -4.92 21.36
CA LYS A 159 -12.78 -3.89 20.34
C LYS A 159 -13.25 -4.46 19.03
N LYS A 160 -14.35 -3.92 18.52
CA LYS A 160 -14.78 -4.28 17.18
C LYS A 160 -13.62 -4.03 16.23
N ASP A 161 -13.21 -5.09 15.52
CA ASP A 161 -12.06 -5.04 14.62
C ASP A 161 -10.76 -4.92 15.39
N TRP A 162 -10.63 -5.68 16.47
CA TRP A 162 -9.40 -5.61 17.26
C TRP A 162 -8.21 -6.10 16.46
N TYR A 163 -8.38 -7.17 15.71
CA TYR A 163 -7.29 -7.76 14.96
C TYR A 163 -6.80 -6.86 13.84
N ASP A 164 -7.59 -5.87 13.44
CA ASP A 164 -7.31 -5.20 12.19
C ASP A 164 -6.04 -4.36 12.29
N PHE A 165 -5.66 -3.76 11.17
CA PHE A 165 -4.53 -2.85 11.13
C PHE A 165 -4.94 -1.47 10.69
N VAL A 166 -6.22 -1.26 10.42
CA VAL A 166 -6.75 0.05 10.13
C VAL A 166 -7.68 0.52 11.23
N GLU A 167 -8.62 -0.33 11.63
CA GLU A 167 -9.32 -0.18 12.89
C GLU A 167 -8.50 -0.85 13.98
N ASN A 168 -8.39 -0.19 15.12
CA ASN A 168 -7.52 -0.60 16.22
C ASN A 168 -6.06 -0.61 15.80
N PRO A 169 -5.47 0.58 15.45
CA PRO A 169 -4.03 0.47 15.16
C PRO A 169 -3.24 0.37 16.46
N ASP A 170 -3.93 0.22 17.58
CA ASP A 170 -3.24 0.04 18.85
C ASP A 170 -2.63 -1.34 18.83
N ILE A 171 -3.19 -2.22 17.99
CA ILE A 171 -2.61 -3.54 17.83
C ILE A 171 -1.13 -3.42 17.43
N LEU A 172 -0.71 -2.29 16.86
CA LEU A 172 0.71 -2.12 16.56
C LEU A 172 1.54 -2.14 17.84
N ARG A 173 1.16 -1.32 18.81
CA ARG A 173 1.81 -1.35 20.11
C ARG A 173 1.64 -2.71 20.78
N VAL A 174 0.44 -3.27 20.69
CA VAL A 174 0.21 -4.59 21.26
C VAL A 174 1.22 -5.57 20.71
N TYR A 175 1.51 -5.47 19.42
CA TYR A 175 2.43 -6.40 18.79
C TYR A 175 3.86 -6.10 19.22
N ALA A 176 4.28 -4.84 19.09
CA ALA A 176 5.61 -4.44 19.51
C ALA A 176 5.88 -4.74 20.98
N ASN A 177 4.86 -5.09 21.74
CA ASN A 177 5.13 -5.57 23.11
C ASN A 177 5.82 -6.91 23.13
N LEU A 178 6.33 -7.44 22.02
CA LEU A 178 7.05 -8.70 22.05
C LEU A 178 8.41 -8.64 21.35
N GLY A 179 8.76 -7.50 20.74
CA GLY A 179 10.03 -7.39 20.05
C GLY A 179 11.22 -7.68 20.93
N GLU A 180 11.14 -7.36 22.21
CA GLU A 180 12.20 -7.71 23.13
C GLU A 180 12.29 -9.23 23.29
N ARG A 181 11.14 -9.87 23.49
CA ARG A 181 11.11 -11.33 23.60
C ARG A 181 11.67 -11.98 22.34
N VAL A 182 11.59 -11.27 21.21
CA VAL A 182 12.11 -11.80 19.96
C VAL A 182 13.62 -11.62 19.87
N ARG A 183 14.08 -10.38 20.01
CA ARG A 183 15.51 -10.07 19.93
C ARG A 183 16.30 -10.93 20.91
N GLN A 184 15.74 -11.22 22.09
CA GLN A 184 16.43 -12.08 23.03
C GLN A 184 16.74 -13.44 22.42
N ALA A 185 15.70 -14.12 21.91
CA ALA A 185 15.91 -15.42 21.27
C ALA A 185 16.82 -15.30 20.06
N LEU A 186 16.79 -14.18 19.36
CA LEU A 186 17.66 -13.99 18.21
C LEU A 186 19.13 -14.02 18.63
N LEU A 187 19.50 -13.19 19.61
CA LEU A 187 20.87 -13.18 20.08
C LEU A 187 21.25 -14.53 20.67
N LYS A 188 20.32 -15.17 21.37
CA LYS A 188 20.59 -16.52 21.83
C LYS A 188 20.91 -17.43 20.65
N THR A 189 20.20 -17.26 19.54
CA THR A 189 20.42 -18.13 18.39
C THR A 189 21.80 -17.92 17.82
N VAL A 190 22.26 -16.67 17.75
CA VAL A 190 23.60 -16.43 17.26
C VAL A 190 24.63 -17.05 18.20
N GLN A 191 24.41 -16.91 19.51
CA GLN A 191 25.25 -17.61 20.47
C GLN A 191 25.31 -19.09 20.15
N PHE A 192 24.16 -19.68 19.82
CA PHE A 192 24.10 -21.11 19.56
C PHE A 192 24.84 -21.47 18.28
N CYS A 193 24.73 -20.62 17.27
CA CYS A 193 25.45 -20.85 16.02
C CYS A 193 26.96 -20.84 16.26
N ASP A 194 27.43 -19.91 17.06
CA ASP A 194 28.86 -19.88 17.34
C ASP A 194 29.27 -21.07 18.20
N ALA A 195 28.44 -21.44 19.17
CA ALA A 195 28.73 -22.62 19.97
C ALA A 195 28.83 -23.86 19.11
N MET A 196 28.01 -23.94 18.07
CA MET A 196 28.06 -25.09 17.17
C MET A 196 29.32 -25.07 16.32
N ARG A 197 29.59 -23.93 15.67
CA ARG A 197 30.77 -23.87 14.80
C ARG A 197 32.05 -24.12 15.57
N ASN A 198 32.10 -23.71 16.84
CA ASN A 198 33.28 -23.94 17.66
C ASN A 198 33.17 -25.20 18.50
N ALA A 199 32.11 -25.98 18.32
CA ALA A 199 32.10 -27.37 18.75
C ALA A 199 32.18 -28.34 17.59
N GLY A 200 32.07 -27.84 16.35
CA GLY A 200 32.24 -28.65 15.17
C GLY A 200 31.14 -29.66 14.91
N ILE A 201 29.92 -29.17 14.64
CA ILE A 201 28.79 -30.04 14.32
C ILE A 201 28.09 -29.51 13.08
N VAL A 202 27.64 -30.42 12.24
CA VAL A 202 26.83 -30.10 11.07
C VAL A 202 25.37 -30.38 11.41
N GLY A 203 24.50 -29.39 11.20
CA GLY A 203 23.12 -29.53 11.62
C GLY A 203 22.10 -28.80 10.77
N VAL A 204 20.88 -28.69 11.29
CA VAL A 204 19.79 -28.02 10.59
C VAL A 204 19.05 -27.15 11.61
N LEU A 205 18.51 -26.03 11.18
CA LEU A 205 17.90 -25.08 12.09
C LEU A 205 16.48 -24.89 11.72
N THR A 206 15.61 -25.56 12.41
CA THR A 206 14.17 -25.44 12.27
C THR A 206 13.65 -24.42 13.29
N LEU A 207 12.35 -24.38 13.49
CA LEU A 207 11.74 -23.47 14.46
C LEU A 207 10.91 -24.15 15.53
N ASP A 208 10.54 -25.40 15.35
CA ASP A 208 9.73 -26.07 16.36
C ASP A 208 10.56 -26.52 17.55
N ASN A 209 11.80 -26.05 17.66
CA ASN A 209 12.74 -26.54 18.65
C ASN A 209 13.27 -25.44 19.55
N GLN A 210 12.62 -24.28 19.59
CA GLN A 210 13.07 -23.13 20.36
C GLN A 210 11.86 -22.43 20.94
N ASP A 211 11.72 -22.47 22.28
CA ASP A 211 10.57 -21.83 22.91
C ASP A 211 10.66 -20.32 22.76
N LEU A 212 9.66 -19.61 23.30
CA LEU A 212 9.59 -18.18 23.05
C LEU A 212 10.61 -17.38 23.85
N ASN A 213 11.16 -17.95 24.93
CA ASN A 213 12.32 -17.33 25.56
C ASN A 213 13.49 -17.27 24.59
N GLY A 214 13.96 -18.42 24.13
CA GLY A 214 15.01 -18.48 23.15
C GLY A 214 15.95 -19.65 23.33
N ASN A 215 16.01 -20.22 24.53
CA ASN A 215 16.99 -21.28 24.81
C ASN A 215 16.62 -22.51 24.01
N TRP A 216 17.39 -22.80 22.97
CA TRP A 216 17.10 -23.89 22.05
C TRP A 216 17.12 -25.23 22.76
N TYR A 217 16.60 -26.24 22.07
CA TYR A 217 16.49 -27.59 22.61
C TYR A 217 16.32 -28.55 21.43
N ASP A 218 15.88 -29.78 21.73
CA ASP A 218 15.59 -30.80 20.72
C ASP A 218 16.85 -31.18 19.92
N PHE A 219 17.79 -31.81 20.62
CA PHE A 219 18.98 -32.38 20.01
C PHE A 219 18.81 -33.88 19.81
N GLY A 220 19.66 -34.45 18.95
CA GLY A 220 19.64 -35.87 18.70
C GLY A 220 19.40 -36.23 17.24
N ASP A 221 19.71 -35.31 16.34
CA ASP A 221 19.46 -35.50 14.92
C ASP A 221 20.71 -35.43 14.06
N PHE A 222 21.76 -34.75 14.52
CA PHE A 222 22.94 -34.54 13.71
C PHE A 222 23.92 -35.70 13.93
N ILE A 223 25.15 -35.54 13.47
CA ILE A 223 26.17 -36.58 13.58
C ILE A 223 27.48 -35.95 14.00
N GLN A 224 28.17 -36.60 14.94
CA GLN A 224 29.40 -36.07 15.50
C GLN A 224 30.47 -35.91 14.43
N THR A 225 30.92 -34.67 14.25
CA THR A 225 32.03 -34.34 13.36
C THR A 225 33.30 -34.18 14.19
N THR A 226 34.37 -33.71 13.57
CA THR A 226 35.53 -33.35 14.38
C THR A 226 35.46 -31.88 14.77
N PRO A 227 35.84 -31.53 16.00
CA PRO A 227 35.63 -30.17 16.50
C PRO A 227 36.32 -29.13 15.62
N GLY A 228 35.86 -27.88 15.76
CA GLY A 228 36.33 -26.81 14.93
C GLY A 228 35.90 -26.88 13.49
N SER A 229 35.18 -27.92 13.10
CA SER A 229 34.72 -28.12 11.72
C SER A 229 33.27 -28.61 11.78
N GLY A 230 32.34 -27.67 11.76
CA GLY A 230 30.92 -27.99 11.76
C GLY A 230 30.07 -26.83 11.29
N VAL A 231 29.16 -27.08 10.36
CA VAL A 231 28.32 -26.05 9.77
C VAL A 231 26.88 -26.51 9.81
N PRO A 232 25.97 -25.77 10.44
CA PRO A 232 24.57 -26.17 10.47
C PRO A 232 23.75 -25.53 9.36
N VAL A 233 22.68 -26.23 8.97
CA VAL A 233 21.76 -25.71 7.97
C VAL A 233 20.79 -24.78 8.68
N VAL A 234 20.79 -23.53 8.27
CA VAL A 234 20.06 -22.50 8.99
C VAL A 234 18.92 -21.93 8.20
N ASP A 235 18.91 -22.07 6.87
CA ASP A 235 17.99 -21.31 6.03
C ASP A 235 16.56 -21.47 6.47
N SER A 236 16.18 -22.66 6.93
CA SER A 236 14.82 -22.87 7.41
C SER A 236 14.49 -21.94 8.58
N TYR A 237 15.38 -21.85 9.57
CA TYR A 237 15.13 -21.04 10.74
C TYR A 237 14.95 -19.58 10.38
N TYR A 238 16.04 -18.94 9.95
CA TYR A 238 15.96 -17.52 9.71
C TYR A 238 15.02 -17.19 8.57
N SER A 239 14.69 -18.12 7.72
CA SER A 239 13.77 -17.70 6.70
C SER A 239 12.35 -17.75 7.22
N LEU A 240 11.88 -18.87 7.76
CA LEU A 240 10.52 -18.85 8.30
C LEU A 240 10.36 -17.72 9.30
N LEU A 241 11.25 -17.63 10.26
CA LEU A 241 11.20 -16.58 11.27
C LEU A 241 11.46 -15.21 10.71
N MET A 242 11.65 -15.03 9.40
CA MET A 242 12.21 -13.77 8.93
C MET A 242 11.28 -12.59 9.13
N PRO A 243 10.08 -12.54 8.56
CA PRO A 243 9.33 -11.28 8.49
C PRO A 243 8.46 -10.97 9.70
N ILE A 244 8.68 -11.60 10.85
CA ILE A 244 8.01 -11.14 12.06
C ILE A 244 8.95 -10.30 12.93
N LEU A 245 10.27 -10.41 12.72
CA LEU A 245 11.22 -9.60 13.48
C LEU A 245 10.92 -8.15 13.21
N THR A 246 10.02 -7.89 12.26
CA THR A 246 9.68 -6.53 11.91
C THR A 246 8.33 -6.12 12.46
N LEU A 247 7.33 -7.01 12.42
CA LEU A 247 6.06 -6.71 13.06
C LEU A 247 6.28 -6.26 14.49
N THR A 248 6.88 -7.12 15.29
CA THR A 248 7.13 -6.76 16.68
C THR A 248 8.25 -5.74 16.83
N ARG A 249 8.92 -5.38 15.74
CA ARG A 249 10.08 -4.50 15.81
C ARG A 249 11.06 -5.01 16.86
N ALA A 250 11.67 -6.16 16.57
CA ALA A 250 12.60 -6.80 17.52
C ALA A 250 13.73 -5.99 18.12
N LEU A 251 14.75 -5.69 17.32
CA LEU A 251 15.94 -5.02 17.87
C LEU A 251 15.89 -3.52 18.11
N THR A 252 14.70 -2.92 18.15
CA THR A 252 14.59 -1.48 18.40
C THR A 252 15.32 -1.05 19.67
N ALA A 253 15.53 -1.98 20.61
CA ALA A 253 16.26 -1.67 21.83
C ALA A 253 17.65 -1.13 21.53
N GLU A 254 18.19 -1.45 20.36
CA GLU A 254 19.55 -1.06 20.02
C GLU A 254 19.64 0.35 19.48
N SER A 255 18.66 1.19 19.78
CA SER A 255 18.76 2.63 19.55
C SER A 255 19.08 3.40 20.82
N HIS A 256 19.49 2.70 21.88
CA HIS A 256 19.73 3.31 23.17
C HIS A 256 21.22 3.22 23.52
N VAL A 257 21.63 4.04 24.49
CA VAL A 257 23.06 4.24 24.76
C VAL A 257 23.74 2.94 25.14
N ASP A 258 23.18 2.20 26.09
CA ASP A 258 23.61 0.84 26.33
C ASP A 258 22.76 -0.15 25.54
N THR A 259 22.04 0.34 24.53
CA THR A 259 21.07 -0.45 23.79
C THR A 259 20.10 -1.12 24.77
N ASP A 260 19.47 -0.30 25.59
CA ASP A 260 18.49 -0.78 26.55
C ASP A 260 17.43 0.29 26.74
N LEU A 261 16.17 -0.17 26.87
CA LEU A 261 15.07 0.77 27.01
C LEU A 261 15.25 1.65 28.25
N THR A 262 15.78 1.07 29.32
CA THR A 262 15.91 1.82 30.57
C THR A 262 17.11 2.74 30.49
N LYS A 263 17.20 3.51 29.41
CA LYS A 263 18.35 4.35 29.13
C LYS A 263 17.95 5.34 28.06
N PRO A 264 18.67 6.45 27.92
CA PRO A 264 18.39 7.37 26.81
C PRO A 264 18.68 6.71 25.47
N TYR A 265 18.11 7.30 24.44
CA TYR A 265 18.48 6.90 23.09
C TYR A 265 19.93 7.29 22.83
N ILE A 266 20.62 6.48 22.04
CA ILE A 266 21.91 6.93 21.54
C ILE A 266 21.69 8.23 20.80
N LYS A 267 22.26 9.31 21.32
CA LYS A 267 22.18 10.59 20.64
C LYS A 267 23.23 10.60 19.54
N TRP A 268 22.99 9.73 18.55
CA TRP A 268 23.87 9.59 17.39
C TRP A 268 24.29 10.95 16.87
N ASP A 269 25.54 11.05 16.45
CA ASP A 269 25.98 12.24 15.77
C ASP A 269 24.99 12.56 14.66
N LEU A 270 24.69 13.82 14.51
CA LEU A 270 23.69 14.21 13.54
C LEU A 270 24.23 14.18 12.15
N LEU A 271 25.38 13.54 11.99
CA LEU A 271 26.01 13.36 10.70
C LEU A 271 26.26 11.91 10.32
N LYS A 272 26.34 11.00 11.29
CA LYS A 272 26.66 9.61 11.00
C LYS A 272 25.63 9.01 10.06
N TYR A 273 26.08 8.53 8.91
CA TYR A 273 25.21 8.14 7.82
C TYR A 273 25.31 6.67 7.47
N ASP A 274 26.51 6.10 7.47
CA ASP A 274 26.70 4.83 6.82
C ASP A 274 26.22 3.69 7.69
N PHE A 275 26.68 3.63 8.93
CA PHE A 275 26.43 2.51 9.83
C PHE A 275 26.89 1.19 9.24
N THR A 276 27.71 1.26 8.19
CA THR A 276 28.25 0.07 7.54
C THR A 276 28.90 -0.85 8.55
N GLU A 277 29.85 -0.33 9.31
CA GLU A 277 30.44 -1.10 10.39
C GLU A 277 29.39 -1.48 11.41
N GLU A 278 28.47 -0.56 11.69
CA GLU A 278 27.41 -0.88 12.64
C GLU A 278 26.47 -1.94 12.08
N ARG A 279 26.11 -1.82 10.81
CA ARG A 279 25.24 -2.83 10.22
C ARG A 279 25.92 -4.17 10.17
N LEU A 280 27.22 -4.19 9.91
CA LEU A 280 27.94 -5.45 9.88
C LEU A 280 28.11 -6.01 11.28
N LYS A 281 28.27 -5.13 12.26
CA LYS A 281 28.15 -5.56 13.64
C LYS A 281 26.79 -6.20 13.86
N LEU A 282 25.75 -5.57 13.34
CA LEU A 282 24.41 -6.11 13.44
C LEU A 282 24.34 -7.51 12.84
N PHE A 283 24.97 -7.68 11.69
CA PHE A 283 25.04 -9.00 11.08
C PHE A 283 25.95 -9.94 11.86
N ASP A 284 27.19 -9.56 12.10
CA ASP A 284 28.09 -10.46 12.78
C ASP A 284 27.58 -10.76 14.17
N ARG A 285 26.55 -10.04 14.59
CA ARG A 285 25.98 -10.27 15.90
C ARG A 285 24.70 -11.07 15.81
N TYR A 286 24.04 -11.00 14.67
CA TYR A 286 22.75 -11.63 14.44
C TYR A 286 22.77 -12.63 13.31
N PHE A 287 23.41 -12.31 12.19
CA PHE A 287 23.39 -13.16 11.00
C PHE A 287 24.79 -13.54 10.56
N LYS A 288 25.68 -13.76 11.54
CA LYS A 288 27.02 -14.25 11.23
C LYS A 288 27.00 -15.59 10.50
N TYR A 289 25.88 -16.32 10.57
CA TYR A 289 25.81 -17.66 10.04
C TYR A 289 24.93 -17.76 8.81
N TRP A 290 24.62 -16.64 8.19
CA TRP A 290 23.89 -16.64 6.94
C TRP A 290 24.88 -16.93 5.83
N ASP A 291 24.92 -18.18 5.39
CA ASP A 291 25.97 -18.61 4.49
C ASP A 291 25.78 -18.01 3.11
N GLN A 292 25.84 -16.69 3.03
CA GLN A 292 25.90 -15.99 1.75
C GLN A 292 26.56 -14.66 2.02
N THR A 293 27.33 -14.19 1.03
CA THR A 293 28.13 -13.00 1.22
C THR A 293 27.20 -11.81 1.31
N TYR A 294 26.63 -11.62 2.48
CA TYR A 294 25.86 -10.41 2.73
C TYR A 294 26.68 -9.20 2.36
N HIS A 295 26.16 -8.42 1.43
CA HIS A 295 26.82 -7.19 1.07
C HIS A 295 26.08 -6.04 1.75
N PRO A 296 26.71 -5.36 2.68
CA PRO A 296 26.03 -4.28 3.43
C PRO A 296 25.21 -3.42 2.51
N ASN A 297 25.86 -2.97 1.45
CA ASN A 297 25.16 -2.39 0.32
C ASN A 297 25.05 -3.45 -0.75
N CYS A 298 23.84 -3.66 -1.25
CA CYS A 298 23.66 -4.68 -2.25
C CYS A 298 24.31 -4.32 -3.58
N VAL A 299 25.01 -3.18 -3.65
CA VAL A 299 25.84 -2.87 -4.81
C VAL A 299 26.87 -3.96 -5.03
N ASN A 300 27.19 -4.73 -4.00
CA ASN A 300 28.14 -5.81 -4.10
C ASN A 300 27.48 -7.17 -4.19
N CYS A 301 26.16 -7.24 -4.26
CA CYS A 301 25.50 -8.48 -4.58
C CYS A 301 25.51 -8.68 -6.08
N LEU A 302 25.65 -9.94 -6.51
CA LEU A 302 26.06 -10.22 -7.87
C LEU A 302 25.06 -9.73 -8.91
N ASP A 303 23.94 -10.43 -9.11
CA ASP A 303 23.01 -10.01 -10.16
C ASP A 303 21.60 -9.70 -9.65
N ASP A 304 20.81 -10.70 -9.25
CA ASP A 304 19.46 -10.43 -8.82
C ASP A 304 19.00 -11.24 -7.61
N ARG A 305 19.27 -12.55 -7.61
CA ARG A 305 18.76 -13.40 -6.53
C ARG A 305 19.45 -13.08 -5.23
N CYS A 306 20.55 -12.35 -5.33
CA CYS A 306 21.31 -12.02 -4.14
C CYS A 306 20.81 -10.74 -3.52
N ILE A 307 20.21 -9.87 -4.33
CA ILE A 307 19.66 -8.64 -3.80
C ILE A 307 18.42 -8.96 -2.97
N LEU A 308 17.53 -9.80 -3.49
CA LEU A 308 16.39 -10.23 -2.70
C LEU A 308 16.82 -10.85 -1.39
N HIS A 309 18.03 -11.37 -1.34
CA HIS A 309 18.52 -12.01 -0.14
C HIS A 309 19.10 -11.02 0.86
N CYS A 310 19.52 -9.84 0.39
CA CYS A 310 20.26 -8.87 1.20
C CYS A 310 19.49 -7.61 1.54
N ALA A 311 18.67 -7.10 0.62
CA ALA A 311 17.74 -6.04 1.00
C ALA A 311 16.83 -6.51 2.12
N ASN A 312 16.51 -7.81 2.13
CA ASN A 312 15.81 -8.52 3.19
C ASN A 312 16.58 -8.54 4.49
N PHE A 313 17.75 -7.91 4.54
CA PHE A 313 18.45 -7.70 5.79
C PHE A 313 18.66 -6.23 6.09
N ASN A 314 18.90 -5.41 5.08
CA ASN A 314 19.01 -4.01 5.43
C ASN A 314 17.65 -3.58 5.98
N VAL A 315 16.55 -4.02 5.35
CA VAL A 315 15.22 -3.67 5.85
C VAL A 315 14.98 -3.97 7.35
N LEU A 316 15.66 -4.97 7.90
CA LEU A 316 15.51 -5.25 9.32
C LEU A 316 16.34 -4.30 10.15
N PHE A 317 17.58 -4.05 9.75
CA PHE A 317 18.46 -3.20 10.53
C PHE A 317 18.14 -1.73 10.38
N SER A 318 17.15 -1.42 9.54
CA SER A 318 16.81 -0.04 9.28
C SER A 318 16.12 0.63 10.43
N THR A 319 15.76 -0.13 11.43
CA THR A 319 14.97 0.42 12.52
C THR A 319 15.83 0.99 13.64
N VAL A 320 16.81 0.21 14.10
CA VAL A 320 17.67 0.62 15.20
C VAL A 320 18.30 1.97 15.00
N PHE A 321 18.30 2.48 13.80
CA PHE A 321 18.99 3.71 13.50
C PHE A 321 18.00 4.86 13.39
N PRO A 322 18.47 6.12 13.65
CA PRO A 322 17.41 7.14 13.59
C PRO A 322 16.81 7.33 12.21
N PRO A 323 15.54 7.77 12.15
CA PRO A 323 14.96 8.10 10.84
C PRO A 323 15.65 9.35 10.33
N THR A 324 16.38 10.04 11.20
CA THR A 324 17.14 11.20 10.82
C THR A 324 18.42 10.77 10.06
N SER A 325 18.58 9.46 9.82
CA SER A 325 19.76 8.96 9.11
C SER A 325 19.53 8.33 7.72
N PHE A 326 18.30 7.96 7.37
CA PHE A 326 18.07 7.33 6.09
C PHE A 326 17.75 8.38 5.04
N GLY A 327 17.29 7.93 3.90
CA GLY A 327 17.01 8.83 2.82
C GLY A 327 18.30 9.21 2.16
N PRO A 328 18.28 10.32 1.42
CA PRO A 328 19.43 10.68 0.59
C PRO A 328 20.66 10.98 1.41
N LEU A 329 21.78 11.14 0.70
CA LEU A 329 23.05 11.53 1.28
C LEU A 329 23.53 12.76 0.53
N VAL A 330 23.70 13.86 1.24
CA VAL A 330 24.06 15.14 0.63
C VAL A 330 25.46 15.50 1.06
N ARG A 331 26.41 15.41 0.14
CA ARG A 331 27.69 16.09 0.28
C ARG A 331 27.47 17.55 -0.09
N LYS A 332 28.56 18.30 -0.23
CA LYS A 332 28.47 19.72 -0.56
C LYS A 332 29.40 19.98 -1.74
N ILE A 333 28.81 20.16 -2.91
CA ILE A 333 29.59 20.40 -4.12
C ILE A 333 29.69 21.90 -4.34
N PHE A 334 30.89 22.35 -4.69
CA PHE A 334 31.13 23.77 -4.92
C PHE A 334 31.11 24.06 -6.41
N VAL A 335 29.91 24.01 -6.97
CA VAL A 335 29.73 24.39 -8.37
C VAL A 335 30.21 25.82 -8.51
N ASP A 336 31.29 26.00 -9.28
CA ASP A 336 32.05 27.25 -9.38
C ASP A 336 32.16 27.95 -8.03
N GLY A 337 32.35 27.17 -6.96
CA GLY A 337 32.49 27.72 -5.63
C GLY A 337 31.25 27.59 -4.77
N VAL A 338 30.08 27.81 -5.36
CA VAL A 338 28.82 27.80 -4.61
C VAL A 338 28.63 26.45 -3.94
N PRO A 339 28.62 26.40 -2.62
CA PRO A 339 28.66 25.11 -1.92
C PRO A 339 27.34 24.35 -1.96
N PHE A 340 26.92 23.93 -3.16
CA PHE A 340 25.66 23.25 -3.32
C PHE A 340 25.65 21.94 -2.55
N VAL A 341 24.73 21.83 -1.59
CA VAL A 341 24.60 20.60 -0.81
C VAL A 341 23.58 19.73 -1.54
N VAL A 342 24.06 19.04 -2.57
CA VAL A 342 23.22 18.18 -3.36
C VAL A 342 23.41 16.75 -2.88
N SER A 343 22.53 15.87 -3.32
CA SER A 343 22.58 14.47 -2.91
C SER A 343 23.53 13.71 -3.82
N THR A 344 24.52 13.05 -3.21
CA THR A 344 25.45 12.19 -3.92
C THR A 344 25.54 10.83 -3.26
N GLY A 345 24.40 10.30 -2.87
CA GLY A 345 24.35 9.00 -2.23
C GLY A 345 22.97 8.78 -1.71
N TYR A 346 22.76 7.61 -1.12
CA TYR A 346 21.48 7.30 -0.54
C TYR A 346 21.63 6.16 0.43
N HIS A 347 21.07 6.33 1.61
CA HIS A 347 21.00 5.25 2.57
C HIS A 347 19.56 4.76 2.54
N PHE A 348 19.29 3.79 1.68
CA PHE A 348 17.98 3.16 1.67
C PHE A 348 17.82 2.28 2.89
N ARG A 349 16.59 2.21 3.40
CA ARG A 349 16.31 1.36 4.53
C ARG A 349 16.56 -0.08 4.17
N GLU A 350 16.17 -0.47 2.97
CA GLU A 350 16.29 -1.86 2.55
C GLU A 350 17.49 -2.13 1.66
N LEU A 351 18.06 -1.12 1.00
CA LEU A 351 19.17 -1.44 0.12
C LEU A 351 20.51 -1.31 0.82
N GLY A 352 20.86 -0.10 1.26
CA GLY A 352 22.11 0.10 1.96
C GLY A 352 22.75 1.40 1.53
N VAL A 353 24.05 1.50 1.79
CA VAL A 353 24.76 2.75 1.60
C VAL A 353 25.21 2.77 0.15
N VAL A 354 24.29 3.17 -0.73
CA VAL A 354 24.63 3.25 -2.14
C VAL A 354 25.37 4.56 -2.35
N HIS A 355 26.68 4.48 -2.47
CA HIS A 355 27.46 5.63 -2.86
C HIS A 355 27.34 5.79 -4.37
N ASN A 356 26.75 6.90 -4.81
CA ASN A 356 26.66 7.16 -6.23
C ASN A 356 28.07 7.16 -6.79
N GLN A 357 28.37 6.16 -7.64
CA GLN A 357 29.71 6.03 -8.19
C GLN A 357 30.10 7.28 -8.96
N ASP A 358 29.35 7.59 -10.01
CA ASP A 358 29.62 8.81 -10.76
C ASP A 358 29.39 10.03 -9.86
N VAL A 359 30.38 10.92 -9.83
CA VAL A 359 30.30 12.16 -9.06
C VAL A 359 30.99 13.26 -9.85
N ASN A 360 30.40 14.45 -9.88
CA ASN A 360 30.90 15.54 -10.71
C ASN A 360 30.97 16.83 -9.89
N LEU A 361 32.18 17.20 -9.48
CA LEU A 361 32.41 18.52 -8.93
C LEU A 361 32.70 19.52 -10.05
N HIS A 362 32.55 20.80 -9.72
CA HIS A 362 32.88 21.88 -10.65
C HIS A 362 32.12 21.75 -11.96
N SER A 363 30.83 21.44 -11.87
CA SER A 363 29.98 21.33 -13.06
C SER A 363 29.75 22.75 -13.58
N SER A 364 30.77 23.28 -14.23
CA SER A 364 30.79 24.69 -14.61
C SER A 364 29.54 25.08 -15.40
N ARG A 365 29.30 24.41 -16.52
CA ARG A 365 28.09 24.61 -17.28
C ARG A 365 27.06 23.56 -16.91
N LEU A 366 25.81 23.81 -17.28
CA LEU A 366 24.71 22.91 -16.97
C LEU A 366 23.71 22.90 -18.11
N SER A 367 23.11 21.74 -18.34
CA SER A 367 22.10 21.55 -19.37
C SER A 367 20.96 20.74 -18.77
N PHE A 368 20.03 20.31 -19.63
CA PHE A 368 18.77 19.73 -19.17
C PHE A 368 19.01 18.59 -18.21
N LYS A 369 19.98 17.73 -18.52
CA LYS A 369 20.11 16.47 -17.81
C LYS A 369 20.44 16.68 -16.34
N GLU A 370 21.52 17.40 -16.05
CA GLU A 370 21.93 17.55 -14.65
C GLU A 370 20.97 18.45 -13.88
N LEU A 371 20.40 19.45 -14.54
CA LEU A 371 19.38 20.27 -13.89
C LEU A 371 18.24 19.41 -13.39
N LEU A 372 17.72 18.54 -14.26
CA LEU A 372 16.66 17.63 -13.83
C LEU A 372 17.16 16.66 -12.77
N VAL A 373 18.34 16.10 -12.97
CA VAL A 373 18.92 15.13 -12.05
C VAL A 373 18.93 15.69 -10.63
N TYR A 374 19.29 16.96 -10.50
CA TYR A 374 19.41 17.55 -9.18
C TYR A 374 18.08 18.07 -8.65
N ALA A 375 17.29 18.74 -9.49
CA ALA A 375 16.00 19.23 -9.06
C ALA A 375 15.12 18.10 -8.54
N ALA A 376 15.27 16.90 -9.09
CA ALA A 376 14.49 15.77 -8.59
C ALA A 376 14.87 15.43 -7.16
N ASP A 377 16.10 15.73 -6.75
CA ASP A 377 16.52 15.42 -5.40
C ASP A 377 15.72 16.23 -4.40
N PRO A 378 15.59 15.72 -3.17
CA PRO A 378 15.09 16.55 -2.06
C PRO A 378 16.16 17.42 -1.40
N ALA A 379 17.38 17.40 -1.91
CA ALA A 379 18.46 18.15 -1.29
C ALA A 379 18.11 19.63 -1.16
N MET A 380 17.87 20.29 -2.29
CA MET A 380 17.71 21.73 -2.34
C MET A 380 16.36 22.20 -1.81
N HIS A 381 15.49 21.28 -1.40
CA HIS A 381 14.26 21.65 -0.72
C HIS A 381 14.35 21.38 0.77
N ALA A 382 14.66 20.15 1.16
CA ALA A 382 14.75 19.81 2.57
C ALA A 382 15.74 20.70 3.30
N ALA A 383 16.99 20.70 2.85
CA ALA A 383 18.01 21.55 3.45
C ALA A 383 17.58 23.01 3.44
N SER A 384 17.41 23.56 2.26
CA SER A 384 17.21 25.01 2.08
C SER A 384 15.72 25.33 2.10
N GLY A 385 15.12 25.17 3.27
CA GLY A 385 13.71 25.45 3.43
C GLY A 385 13.29 25.67 4.87
N ASN A 386 12.34 26.57 5.09
CA ASN A 386 11.87 26.90 6.43
C ASN A 386 11.34 25.66 7.12
N LEU A 387 12.05 25.20 8.15
CA LEU A 387 11.69 23.96 8.83
C LEU A 387 10.23 23.97 9.23
N LEU A 388 9.54 22.87 8.94
CA LEU A 388 8.12 22.73 9.22
C LEU A 388 7.88 21.53 10.12
N LEU A 389 7.05 21.74 11.14
CA LEU A 389 6.56 20.66 11.99
C LEU A 389 5.05 20.56 11.82
N ASP A 390 4.51 19.36 12.04
CA ASP A 390 3.09 19.09 11.88
C ASP A 390 2.70 17.99 12.86
N LYS A 391 1.86 18.33 13.84
CA LYS A 391 1.45 17.39 14.87
C LYS A 391 0.19 16.61 14.52
N ARG A 392 -0.38 16.84 13.34
CA ARG A 392 -1.57 16.10 12.93
C ARG A 392 -1.27 14.61 12.80
N THR A 393 -0.18 14.28 12.13
CA THR A 393 0.13 12.92 11.72
C THR A 393 1.14 12.28 12.65
N THR A 394 1.55 11.06 12.29
CA THR A 394 2.67 10.38 12.91
C THR A 394 3.83 10.24 11.95
N CYS A 395 3.61 10.49 10.66
CA CYS A 395 4.67 10.36 9.67
C CYS A 395 5.67 11.49 9.79
N PHE A 396 6.95 11.15 9.68
CA PHE A 396 8.02 12.12 9.83
C PHE A 396 7.91 13.22 8.78
N SER A 397 8.28 14.44 9.17
CA SER A 397 8.18 15.60 8.31
C SER A 397 9.53 16.26 8.13
N VAL A 398 9.60 17.18 7.18
CA VAL A 398 10.86 17.85 6.89
C VAL A 398 10.72 19.37 6.95
N ALA A 399 9.93 19.94 6.05
CA ALA A 399 10.02 21.37 5.80
C ALA A 399 8.80 21.82 4.99
N ALA A 400 8.85 23.05 4.50
CA ALA A 400 7.75 23.65 3.74
C ALA A 400 8.32 24.61 2.72
N LEU A 401 7.83 24.52 1.49
CA LEU A 401 8.26 25.44 0.43
C LEU A 401 7.91 26.88 0.80
N THR A 402 6.62 27.16 0.98
CA THR A 402 6.13 28.48 1.33
C THR A 402 5.77 28.51 2.81
N ASN A 403 5.74 29.71 3.38
CA ASN A 403 5.70 29.89 4.84
C ASN A 403 4.29 29.93 5.40
N ASN A 404 3.35 29.22 4.78
CA ASN A 404 1.98 29.14 5.30
C ASN A 404 1.35 27.81 4.90
N VAL A 405 0.99 27.01 5.91
CA VAL A 405 0.33 25.72 5.65
C VAL A 405 -0.94 25.95 4.85
N ALA A 406 -1.33 24.95 4.06
CA ALA A 406 -2.50 25.06 3.19
C ALA A 406 -3.45 23.89 3.42
N PHE A 407 -4.70 24.08 2.98
CA PHE A 407 -5.74 23.07 3.05
C PHE A 407 -6.51 23.07 1.74
N GLN A 408 -7.17 21.95 1.45
CA GLN A 408 -8.02 21.86 0.25
C GLN A 408 -9.30 21.10 0.55
N THR A 409 -10.46 21.72 0.30
CA THR A 409 -11.74 21.05 0.55
C THR A 409 -12.39 20.58 -0.75
N VAL A 410 -13.03 19.40 -0.71
CA VAL A 410 -13.65 18.85 -1.90
C VAL A 410 -15.12 19.27 -2.02
N LYS A 411 -15.63 19.41 -3.25
CA LYS A 411 -16.98 19.87 -3.50
C LYS A 411 -17.85 18.71 -3.97
N PRO A 412 -19.17 18.85 -3.90
CA PRO A 412 -20.05 17.77 -4.38
C PRO A 412 -20.35 17.87 -5.86
N GLY A 413 -20.51 16.70 -6.48
CA GLY A 413 -20.77 16.66 -7.90
C GLY A 413 -22.21 17.04 -8.23
N ASN A 414 -22.37 17.66 -9.39
CA ASN A 414 -23.67 18.15 -9.83
C ASN A 414 -24.60 16.98 -10.15
N PHE A 415 -25.89 17.21 -9.94
CA PHE A 415 -26.92 16.21 -10.17
C PHE A 415 -27.70 16.56 -11.43
N ASN A 416 -27.97 15.55 -12.26
CA ASN A 416 -28.69 15.74 -13.52
C ASN A 416 -30.19 15.60 -13.25
N LYS A 417 -30.92 16.71 -13.37
CA LYS A 417 -32.34 16.70 -13.02
C LYS A 417 -33.15 15.93 -14.05
N ASP A 418 -32.88 16.14 -15.34
CA ASP A 418 -33.69 15.52 -16.38
C ASP A 418 -33.71 14.01 -16.25
N PHE A 419 -32.60 13.44 -15.82
CA PHE A 419 -32.52 11.99 -15.64
C PHE A 419 -33.45 11.56 -14.53
N TYR A 420 -33.44 12.31 -13.44
CA TYR A 420 -34.32 11.99 -12.33
C TYR A 420 -35.77 12.07 -12.78
N ASP A 421 -36.11 13.08 -13.58
CA ASP A 421 -37.47 13.20 -14.10
C ASP A 421 -37.84 12.00 -14.94
N PHE A 422 -36.97 11.62 -15.87
CA PHE A 422 -37.21 10.42 -16.68
C PHE A 422 -37.47 9.21 -15.79
N ALA A 423 -36.66 9.06 -14.74
CA ALA A 423 -36.83 7.91 -13.86
C ALA A 423 -38.17 7.94 -13.17
N VAL A 424 -38.51 9.05 -12.51
CA VAL A 424 -39.75 9.11 -11.76
C VAL A 424 -40.95 8.94 -12.69
N SER A 425 -40.86 9.48 -13.89
CA SER A 425 -41.99 9.42 -14.82
C SER A 425 -42.14 8.02 -15.41
N LYS A 426 -41.04 7.44 -15.87
CA LYS A 426 -41.08 6.12 -16.49
C LYS A 426 -41.12 5.00 -15.48
N GLY A 427 -41.44 5.27 -14.22
CA GLY A 427 -41.67 4.24 -13.24
C GLY A 427 -40.52 3.95 -12.30
N PHE A 428 -39.38 4.60 -12.48
CA PHE A 428 -38.30 4.45 -11.52
C PHE A 428 -38.49 5.46 -10.39
N PHE A 429 -37.65 5.33 -9.38
CA PHE A 429 -37.71 6.18 -8.20
C PHE A 429 -39.09 6.10 -7.55
N LYS A 430 -39.46 4.88 -7.18
CA LYS A 430 -40.76 4.61 -6.57
C LYS A 430 -40.55 4.01 -5.18
N GLU A 431 -41.65 3.95 -4.43
CA GLU A 431 -41.60 3.55 -3.03
C GLU A 431 -41.40 2.04 -2.90
N GLY A 432 -40.19 1.57 -3.16
CA GLY A 432 -39.90 0.16 -3.00
C GLY A 432 -39.35 -0.49 -4.24
N SER A 433 -38.90 0.32 -5.20
CA SER A 433 -38.29 -0.23 -6.41
C SER A 433 -37.11 -1.11 -6.03
N SER A 434 -37.00 -2.25 -6.72
CA SER A 434 -35.88 -3.15 -6.47
C SER A 434 -34.55 -2.51 -6.80
N VAL A 435 -34.56 -1.41 -7.54
CA VAL A 435 -33.35 -0.69 -7.93
C VAL A 435 -33.40 0.67 -7.21
N GLU A 436 -32.65 0.78 -6.12
CA GLU A 436 -32.55 2.00 -5.33
C GLU A 436 -31.23 2.69 -5.64
N LEU A 437 -30.99 3.84 -5.03
CA LEU A 437 -29.76 4.61 -5.25
C LEU A 437 -28.82 4.43 -4.07
N LYS A 438 -27.54 4.25 -4.37
CA LYS A 438 -26.52 4.04 -3.35
C LYS A 438 -25.26 4.85 -3.55
N HIS A 439 -25.01 5.40 -4.73
CA HIS A 439 -23.75 6.02 -5.06
C HIS A 439 -23.95 7.48 -5.42
N PHE A 440 -23.08 8.35 -4.92
CA PHE A 440 -23.17 9.78 -5.17
C PHE A 440 -21.78 10.37 -5.21
N PHE A 441 -21.69 11.61 -5.71
CA PHE A 441 -20.46 12.40 -5.64
C PHE A 441 -20.43 13.10 -4.29
N PHE A 442 -19.60 12.61 -3.38
CA PHE A 442 -19.50 13.19 -2.05
C PHE A 442 -18.77 14.53 -2.09
N ALA A 443 -18.60 15.13 -0.92
CA ALA A 443 -17.83 16.35 -0.77
C ALA A 443 -17.08 16.28 0.55
N GLN A 444 -15.80 16.68 0.54
CA GLN A 444 -14.95 16.54 1.70
C GLN A 444 -14.68 17.88 2.36
N ASP A 445 -14.27 17.82 3.62
CA ASP A 445 -14.06 19.01 4.45
C ASP A 445 -12.64 19.53 4.28
N GLY A 446 -12.23 20.42 5.18
CA GLY A 446 -10.93 21.07 5.11
C GLY A 446 -9.73 20.15 5.17
N ASN A 447 -9.54 19.47 6.32
CA ASN A 447 -8.39 18.60 6.48
C ASN A 447 -8.63 17.33 5.66
N ALA A 448 -8.32 17.43 4.37
CA ALA A 448 -8.53 16.34 3.44
C ALA A 448 -7.21 15.75 2.95
N ALA A 449 -6.36 16.56 2.32
CA ALA A 449 -5.09 16.06 1.82
C ALA A 449 -4.28 15.41 2.93
N ILE A 450 -4.24 16.05 4.09
CA ILE A 450 -3.47 15.52 5.21
C ILE A 450 -4.17 14.33 5.84
N SER A 451 -5.49 14.38 5.97
CA SER A 451 -6.19 13.20 6.45
C SER A 451 -6.12 12.06 5.45
N ASP A 452 -5.96 12.40 4.17
CA ASP A 452 -5.65 11.38 3.16
C ASP A 452 -4.29 10.76 3.42
N TYR A 453 -3.29 11.61 3.68
CA TYR A 453 -1.94 11.13 3.90
C TYR A 453 -1.84 10.23 5.13
N ASP A 454 -2.53 10.59 6.21
CA ASP A 454 -2.34 9.93 7.50
C ASP A 454 -2.40 8.41 7.41
N TYR A 455 -3.18 7.88 6.48
CA TYR A 455 -3.48 6.45 6.50
C TYR A 455 -2.24 5.60 6.42
N TYR A 456 -1.15 6.13 5.85
CA TYR A 456 0.07 5.34 5.68
C TYR A 456 0.55 4.71 6.96
N ARG A 457 0.03 5.14 8.12
CA ARG A 457 0.40 4.52 9.37
C ARG A 457 0.16 3.02 9.38
N TYR A 458 -0.65 2.50 8.47
CA TYR A 458 -0.77 1.05 8.35
C TYR A 458 0.51 0.43 7.81
N ASN A 459 1.32 1.19 7.07
CA ASN A 459 2.49 0.64 6.39
C ASN A 459 3.60 0.39 7.40
N LEU A 460 3.47 -0.69 8.13
CA LEU A 460 4.61 -1.18 8.89
C LEU A 460 5.65 -1.71 7.92
N PRO A 461 6.94 -1.45 8.16
CA PRO A 461 7.97 -2.02 7.29
C PRO A 461 8.19 -3.48 7.65
N THR A 462 8.09 -4.35 6.66
CA THR A 462 8.17 -5.78 6.91
C THR A 462 9.15 -6.47 5.98
N MET A 463 9.67 -7.58 6.46
CA MET A 463 10.48 -8.48 5.66
C MET A 463 9.55 -9.41 4.90
N CYS A 464 10.14 -10.29 4.10
CA CYS A 464 9.40 -11.41 3.52
C CYS A 464 10.33 -12.61 3.46
N ASP A 465 9.86 -13.75 3.96
CA ASP A 465 10.61 -14.99 4.05
C ASP A 465 11.41 -15.23 2.79
N ILE A 466 12.74 -15.29 2.93
CA ILE A 466 13.59 -15.17 1.75
C ILE A 466 13.88 -16.52 1.11
N ARG A 467 13.86 -17.61 1.85
CA ARG A 467 14.01 -18.87 1.17
C ARG A 467 12.69 -19.35 0.58
N GLN A 468 11.56 -18.87 1.09
CA GLN A 468 10.31 -19.11 0.40
C GLN A 468 10.20 -18.23 -0.83
N LEU A 469 10.46 -16.93 -0.69
CA LEU A 469 10.40 -16.02 -1.83
C LEU A 469 11.48 -16.35 -2.85
N LEU A 470 12.30 -17.37 -2.58
CA LEU A 470 13.27 -17.84 -3.55
C LEU A 470 12.78 -19.08 -4.28
N PHE A 471 11.51 -19.08 -4.61
CA PHE A 471 10.73 -19.88 -5.54
C PHE A 471 9.87 -19.04 -6.45
N VAL A 472 9.28 -17.99 -5.91
CA VAL A 472 8.14 -17.35 -6.52
C VAL A 472 8.55 -16.30 -7.53
N VAL A 473 9.64 -15.57 -7.27
CA VAL A 473 10.17 -14.66 -8.27
C VAL A 473 10.30 -15.38 -9.61
N GLU A 474 10.68 -16.65 -9.58
CA GLU A 474 10.88 -17.38 -10.83
C GLU A 474 9.65 -18.12 -11.31
N VAL A 475 8.80 -18.64 -10.42
CA VAL A 475 7.52 -19.15 -10.92
C VAL A 475 6.78 -18.04 -11.66
N VAL A 476 6.93 -16.81 -11.20
CA VAL A 476 6.33 -15.70 -11.92
C VAL A 476 7.15 -15.36 -13.16
N ASP A 477 8.46 -15.54 -13.10
CA ASP A 477 9.25 -15.45 -14.32
C ASP A 477 8.63 -16.33 -15.40
N LYS A 478 8.17 -17.52 -15.01
CA LYS A 478 7.47 -18.39 -15.96
C LYS A 478 6.15 -17.78 -16.39
N TYR A 479 5.31 -17.41 -15.42
CA TYR A 479 4.02 -16.80 -15.76
C TYR A 479 4.16 -15.62 -16.70
N PHE A 480 5.36 -15.10 -16.85
CA PHE A 480 5.60 -14.10 -17.89
C PHE A 480 6.57 -14.59 -18.95
N ASP A 481 6.94 -15.87 -18.91
CA ASP A 481 7.89 -16.41 -19.88
C ASP A 481 7.40 -16.19 -21.31
N CYS A 482 6.13 -16.45 -21.57
CA CYS A 482 5.59 -16.38 -22.92
C CYS A 482 5.65 -14.98 -23.50
N TYR A 483 6.24 -14.05 -22.76
CA TYR A 483 6.25 -12.66 -23.19
C TYR A 483 7.59 -12.25 -23.75
N ASP A 484 7.62 -11.05 -24.32
CA ASP A 484 8.83 -10.38 -24.78
C ASP A 484 9.55 -9.73 -23.62
N GLY A 485 10.47 -8.81 -23.90
CA GLY A 485 11.07 -8.02 -22.84
C GLY A 485 12.52 -7.66 -23.07
N GLY A 486 12.89 -6.40 -22.87
CA GLY A 486 14.25 -5.94 -23.14
C GLY A 486 14.42 -4.49 -22.78
N CYS A 487 15.67 -4.04 -22.60
CA CYS A 487 15.89 -2.63 -22.34
C CYS A 487 15.88 -1.98 -23.67
N ILE A 488 14.69 -1.60 -24.11
CA ILE A 488 14.57 -1.02 -25.40
C ILE A 488 15.03 0.40 -25.33
N ASN A 489 15.22 1.02 -26.48
CA ASN A 489 15.67 2.39 -26.55
C ASN A 489 14.47 3.33 -26.50
N ALA A 490 14.69 4.61 -26.81
CA ALA A 490 13.67 5.62 -26.56
C ALA A 490 12.49 5.46 -27.52
N ASN A 491 12.73 5.64 -28.82
CA ASN A 491 11.64 5.55 -29.79
C ASN A 491 10.97 4.20 -29.81
N GLN A 492 11.49 3.21 -29.07
CA GLN A 492 10.79 1.95 -28.88
C GLN A 492 9.72 2.02 -27.79
N VAL A 493 9.49 3.20 -27.20
CA VAL A 493 8.52 3.38 -26.15
C VAL A 493 7.38 4.22 -26.70
N ILE A 494 6.25 3.56 -26.99
CA ILE A 494 5.05 4.28 -27.40
C ILE A 494 4.47 4.99 -26.17
N VAL A 495 4.31 6.30 -26.28
CA VAL A 495 3.85 7.11 -25.16
C VAL A 495 2.35 6.86 -24.98
N ASN A 496 1.98 6.34 -23.82
CA ASN A 496 0.58 6.14 -23.46
C ASN A 496 0.24 7.02 -22.26
N ASN A 497 -0.99 7.51 -22.24
CA ASN A 497 -1.49 8.34 -21.13
C ASN A 497 -0.60 9.58 -20.95
N LEU A 498 -0.61 10.43 -21.96
CA LEU A 498 0.26 11.60 -22.00
C LEU A 498 -0.02 12.54 -20.84
N ASP A 499 -1.18 13.19 -20.85
CA ASP A 499 -1.49 14.25 -19.89
C ASP A 499 -1.99 13.63 -18.59
N LYS A 500 -1.08 12.90 -17.94
CA LYS A 500 -1.42 12.29 -16.67
C LYS A 500 -1.07 13.20 -15.50
N SER A 501 0.24 13.42 -15.25
CA SER A 501 0.70 14.21 -14.09
C SER A 501 2.19 14.42 -14.05
N ALA A 502 2.69 14.96 -12.93
CA ALA A 502 4.14 15.17 -12.74
C ALA A 502 4.38 15.34 -11.24
N GLY A 503 5.64 15.38 -10.80
CA GLY A 503 5.95 15.47 -9.37
C GLY A 503 6.12 16.90 -8.86
N PHE A 504 6.26 17.10 -7.55
CA PHE A 504 6.30 18.49 -6.98
C PHE A 504 6.98 19.61 -7.80
N PRO A 505 8.31 19.49 -8.12
CA PRO A 505 8.80 20.64 -8.86
C PRO A 505 8.09 20.62 -10.19
N PHE A 506 8.13 19.49 -10.87
CA PHE A 506 7.53 19.34 -12.17
C PHE A 506 6.10 19.76 -12.46
N ASN A 507 5.16 19.46 -11.58
CA ASN A 507 3.75 19.73 -11.89
C ASN A 507 3.42 21.20 -11.87
N LYS A 508 4.29 22.01 -11.28
CA LYS A 508 4.09 23.44 -11.30
C LYS A 508 4.36 23.97 -12.69
N TRP A 509 5.05 23.18 -13.50
CA TRP A 509 5.40 23.63 -14.84
C TRP A 509 4.68 22.88 -15.96
N GLY A 510 3.94 21.81 -15.62
CA GLY A 510 3.16 21.12 -16.63
C GLY A 510 2.91 19.67 -16.22
N LYS A 511 2.65 18.85 -17.22
CA LYS A 511 2.49 17.40 -17.05
C LYS A 511 3.64 16.69 -17.73
N ALA A 512 3.56 15.35 -17.74
CA ALA A 512 4.61 14.54 -18.35
C ALA A 512 4.83 14.86 -19.82
N ARG A 513 3.83 15.45 -20.48
CA ARG A 513 3.91 15.67 -21.92
C ARG A 513 4.99 16.68 -22.27
N LEU A 514 5.10 17.76 -21.50
CA LEU A 514 6.11 18.77 -21.83
C LEU A 514 7.52 18.19 -21.71
N TYR A 515 7.73 17.29 -20.75
CA TYR A 515 9.04 16.70 -20.58
C TYR A 515 9.35 15.69 -21.67
N TYR A 516 8.40 14.80 -21.98
CA TYR A 516 8.62 13.91 -23.11
C TYR A 516 8.75 14.68 -24.41
N ASP A 517 8.29 15.93 -24.44
CA ASP A 517 8.61 16.82 -25.55
C ASP A 517 10.00 17.41 -25.41
N SER A 518 10.52 17.49 -24.19
CA SER A 518 11.81 18.11 -23.95
C SER A 518 12.97 17.16 -24.23
N MET A 519 13.07 16.10 -23.45
CA MET A 519 14.27 15.26 -23.42
C MET A 519 14.36 14.44 -24.70
N SER A 520 15.28 14.82 -25.58
CA SER A 520 15.51 14.04 -26.79
C SER A 520 15.95 12.63 -26.43
N TYR A 521 15.93 11.76 -27.44
CA TYR A 521 16.16 10.33 -27.20
C TYR A 521 17.48 10.11 -26.47
N GLU A 522 18.58 10.55 -27.07
CA GLU A 522 19.91 10.37 -26.49
C GLU A 522 19.96 10.85 -25.05
N ASP A 523 19.20 11.89 -24.72
CA ASP A 523 19.18 12.41 -23.36
C ASP A 523 18.54 11.42 -22.40
N GLN A 524 17.37 10.89 -22.79
CA GLN A 524 16.74 9.88 -21.96
C GLN A 524 17.61 8.65 -21.84
N ASP A 525 18.39 8.34 -22.86
CA ASP A 525 19.31 7.22 -22.75
C ASP A 525 20.44 7.55 -21.79
N ALA A 526 20.91 8.78 -21.80
CA ALA A 526 21.90 9.20 -20.82
C ALA A 526 21.34 9.04 -19.42
N LEU A 527 20.09 9.48 -19.23
CA LEU A 527 19.44 9.30 -17.94
C LEU A 527 19.31 7.83 -17.59
N PHE A 528 19.03 6.99 -18.58
CA PHE A 528 18.91 5.57 -18.33
C PHE A 528 20.25 5.00 -17.88
N ALA A 529 21.33 5.38 -18.55
CA ALA A 529 22.65 4.95 -18.12
C ALA A 529 22.94 5.40 -16.70
N TYR A 530 22.69 6.68 -16.41
CA TYR A 530 22.76 7.20 -15.06
C TYR A 530 22.08 6.26 -14.10
N THR A 531 20.80 5.99 -14.34
CA THR A 531 20.06 5.08 -13.48
C THR A 531 20.74 3.74 -13.37
N LYS A 532 21.43 3.32 -14.42
CA LYS A 532 22.24 2.11 -14.36
C LYS A 532 23.48 2.29 -13.52
N ARG A 533 23.84 3.53 -13.17
CA ARG A 533 25.02 3.72 -12.33
C ARG A 533 24.87 4.80 -11.24
N ASN A 534 23.76 5.51 -11.18
CA ASN A 534 23.53 6.55 -10.18
C ASN A 534 22.33 6.17 -9.34
N VAL A 535 21.85 7.12 -8.53
CA VAL A 535 20.54 7.06 -7.88
C VAL A 535 19.98 8.47 -7.86
N ILE A 536 18.66 8.58 -8.00
CA ILE A 536 17.97 9.85 -7.77
C ILE A 536 16.69 9.59 -7.01
N PRO A 537 16.39 10.35 -5.96
CA PRO A 537 15.07 10.28 -5.33
C PRO A 537 14.14 11.35 -5.92
N THR A 538 12.86 11.24 -5.57
CA THR A 538 11.83 12.03 -6.24
C THR A 538 10.76 12.47 -5.26
N ILE A 539 9.91 13.40 -5.72
CA ILE A 539 8.84 14.00 -4.92
C ILE A 539 7.51 13.74 -5.60
N THR A 540 6.71 12.87 -5.02
CA THR A 540 5.32 12.71 -5.42
C THR A 540 4.51 13.93 -4.99
N GLN A 541 3.20 13.87 -5.20
CA GLN A 541 2.31 14.92 -4.71
C GLN A 541 0.90 14.32 -4.59
N MET A 542 0.51 13.97 -3.37
CA MET A 542 -0.74 13.25 -3.15
C MET A 542 -1.89 14.25 -3.07
N ASN A 543 -2.58 14.45 -4.18
CA ASN A 543 -3.77 15.28 -4.23
C ASN A 543 -5.00 14.44 -3.87
N LEU A 544 -6.19 14.99 -4.10
CA LEU A 544 -7.44 14.31 -3.84
C LEU A 544 -8.28 14.26 -5.11
N LYS A 545 -9.01 13.16 -5.28
CA LYS A 545 -9.79 12.92 -6.48
C LYS A 545 -11.28 13.00 -6.17
N TYR A 546 -12.04 13.47 -7.15
CA TYR A 546 -13.46 13.73 -7.01
C TYR A 546 -14.21 12.86 -8.02
N ALA A 547 -14.96 11.88 -7.52
CA ALA A 547 -15.69 10.95 -8.38
C ALA A 547 -16.71 10.20 -7.54
N ILE A 548 -17.74 9.70 -8.22
CA ILE A 548 -18.86 9.06 -7.55
C ILE A 548 -18.42 7.81 -6.81
N SER A 549 -19.06 7.54 -5.68
CA SER A 549 -18.86 6.29 -4.96
C SER A 549 -19.98 6.14 -3.95
N ALA A 550 -19.94 5.03 -3.21
CA ALA A 550 -20.92 4.75 -2.17
C ALA A 550 -20.39 5.01 -0.77
N LYS A 551 -19.10 4.75 -0.54
CA LYS A 551 -18.51 4.98 0.77
C LYS A 551 -18.32 6.47 1.01
N ASN A 552 -17.85 6.82 2.20
CA ASN A 552 -17.66 8.21 2.59
C ASN A 552 -16.19 8.55 2.86
N ARG A 553 -15.26 7.77 2.35
CA ARG A 553 -13.85 8.13 2.42
C ARG A 553 -13.49 8.99 1.21
N ALA A 554 -12.21 9.35 1.11
CA ALA A 554 -11.75 10.23 0.05
C ALA A 554 -10.86 9.48 -0.94
N ARG A 555 -10.69 10.08 -2.12
CA ARG A 555 -9.91 9.48 -3.18
C ARG A 555 -8.52 10.08 -3.22
N THR A 556 -7.56 9.28 -3.68
CA THR A 556 -6.14 9.61 -3.58
C THR A 556 -5.43 9.33 -4.89
N VAL A 557 -5.01 10.40 -5.57
CA VAL A 557 -4.21 10.31 -6.79
C VAL A 557 -2.81 10.80 -6.47
N ALA A 558 -1.81 10.02 -6.88
CA ALA A 558 -0.41 10.30 -6.54
C ALA A 558 0.41 10.41 -7.82
N GLY A 559 0.59 11.63 -8.30
CA GLY A 559 1.37 11.85 -9.50
C GLY A 559 2.86 11.89 -9.23
N VAL A 560 3.56 10.81 -9.56
CA VAL A 560 5.00 10.72 -9.32
C VAL A 560 5.74 11.61 -10.31
N SER A 561 7.04 11.76 -10.09
CA SER A 561 7.92 12.61 -10.89
C SER A 561 7.86 12.29 -12.36
N ILE A 562 8.32 13.22 -13.20
CA ILE A 562 8.45 12.90 -14.63
C ILE A 562 9.61 11.94 -14.85
N CYS A 563 10.65 12.02 -14.02
CA CYS A 563 11.86 11.25 -14.29
C CYS A 563 11.67 9.77 -14.02
N SER A 564 11.00 9.41 -12.91
CA SER A 564 10.73 8.01 -12.66
C SER A 564 10.00 7.38 -13.84
N THR A 565 9.04 8.10 -14.43
CA THR A 565 8.42 7.63 -15.66
C THR A 565 9.46 7.50 -16.77
N MET A 566 10.05 8.64 -17.19
CA MET A 566 10.91 8.64 -18.36
C MET A 566 12.07 7.67 -18.24
N THR A 567 12.24 7.03 -17.09
CA THR A 567 13.13 5.88 -17.01
C THR A 567 12.40 4.55 -17.00
N ASN A 568 11.36 4.38 -16.18
CA ASN A 568 10.72 3.08 -16.08
C ASN A 568 10.03 2.69 -17.38
N ARG A 569 9.58 3.67 -18.16
CA ARG A 569 9.10 3.38 -19.51
C ARG A 569 10.19 2.72 -20.34
N GLN A 570 11.32 3.40 -20.51
CA GLN A 570 12.45 2.81 -21.21
C GLN A 570 12.80 1.44 -20.69
N PHE A 571 12.58 1.19 -19.41
CA PHE A 571 12.95 -0.07 -18.82
C PHE A 571 11.90 -1.17 -18.95
N HIS A 572 10.64 -0.82 -19.23
CA HIS A 572 9.58 -1.83 -19.21
C HIS A 572 8.63 -1.84 -20.41
N GLN A 573 8.67 -0.86 -21.30
CA GLN A 573 7.63 -0.69 -22.31
C GLN A 573 7.46 -1.93 -23.18
N LYS A 574 8.57 -2.59 -23.51
CA LYS A 574 8.47 -3.80 -24.33
C LYS A 574 7.66 -4.86 -23.60
N LEU A 575 7.97 -5.10 -22.32
CA LEU A 575 7.19 -6.06 -21.57
C LEU A 575 5.74 -5.59 -21.43
N LEU A 576 5.53 -4.29 -21.32
CA LEU A 576 4.17 -3.77 -21.23
C LEU A 576 3.38 -4.15 -22.47
N LYS A 577 3.81 -3.68 -23.63
CA LYS A 577 3.14 -4.03 -24.88
C LYS A 577 2.96 -5.52 -25.00
N SER A 578 4.00 -6.30 -24.68
CA SER A 578 3.90 -7.74 -24.83
C SER A 578 2.85 -8.34 -23.90
N ILE A 579 2.52 -7.69 -22.81
CA ILE A 579 1.37 -8.16 -22.04
C ILE A 579 0.06 -7.54 -22.52
N ALA A 580 0.12 -6.41 -23.21
CA ALA A 580 -1.06 -5.72 -23.72
C ALA A 580 -1.47 -6.21 -25.10
N ALA A 581 -0.93 -7.31 -25.56
CA ALA A 581 -1.33 -7.86 -26.84
C ALA A 581 -1.47 -9.37 -26.82
N THR A 582 -1.25 -10.03 -25.69
CA THR A 582 -1.49 -11.46 -25.61
C THR A 582 -2.96 -11.73 -25.39
N ARG A 583 -3.39 -12.95 -25.69
CA ARG A 583 -4.72 -13.41 -25.39
C ARG A 583 -4.66 -14.85 -24.91
N GLY A 584 -5.69 -15.26 -24.19
CA GLY A 584 -5.68 -16.59 -23.63
C GLY A 584 -4.60 -16.74 -22.58
N ALA A 585 -4.04 -15.61 -22.15
CA ALA A 585 -2.97 -15.59 -21.17
C ALA A 585 -3.55 -15.82 -19.79
N THR A 586 -2.75 -15.57 -18.75
CA THR A 586 -3.25 -15.62 -17.39
C THR A 586 -3.59 -14.23 -16.87
N VAL A 587 -2.71 -13.29 -17.03
CA VAL A 587 -3.07 -11.91 -16.79
C VAL A 587 -3.79 -11.39 -18.02
N VAL A 588 -4.72 -10.46 -17.83
CA VAL A 588 -5.64 -10.11 -18.91
C VAL A 588 -5.73 -8.62 -19.13
N ILE A 589 -4.75 -7.86 -18.66
CA ILE A 589 -4.76 -6.43 -18.85
C ILE A 589 -4.75 -6.11 -20.33
N GLY A 590 -5.43 -5.02 -20.69
CA GLY A 590 -5.44 -4.56 -22.06
C GLY A 590 -6.23 -5.40 -23.03
N THR A 591 -6.87 -6.47 -22.55
CA THR A 591 -7.67 -7.31 -23.43
C THR A 591 -8.79 -6.50 -24.07
N SER A 592 -9.40 -7.08 -25.08
CA SER A 592 -10.59 -6.49 -25.65
C SER A 592 -11.69 -6.44 -24.60
N LYS A 593 -12.69 -5.60 -24.85
CA LYS A 593 -13.74 -5.35 -23.89
C LYS A 593 -15.08 -5.96 -24.27
N PHE A 594 -15.26 -6.32 -25.54
CA PHE A 594 -16.54 -6.73 -26.07
C PHE A 594 -16.30 -7.91 -27.00
N TYR A 595 -17.30 -8.21 -27.84
CA TYR A 595 -17.18 -9.21 -28.89
C TYR A 595 -16.84 -10.59 -28.33
N GLY A 596 -17.70 -11.06 -27.44
CA GLY A 596 -17.44 -12.31 -26.77
C GLY A 596 -16.19 -12.22 -25.94
N GLY A 597 -15.69 -10.99 -25.78
CA GLY A 597 -14.48 -10.73 -25.07
C GLY A 597 -14.53 -11.38 -23.71
N TRP A 598 -15.46 -10.93 -22.87
CA TRP A 598 -15.67 -11.61 -21.60
C TRP A 598 -15.94 -13.09 -21.83
N HIS A 599 -16.66 -13.40 -22.90
CA HIS A 599 -17.06 -14.78 -23.16
C HIS A 599 -15.85 -15.64 -23.49
N ASN A 600 -15.09 -15.24 -24.51
CA ASN A 600 -13.88 -16.00 -24.83
C ASN A 600 -12.92 -16.02 -23.65
N MET A 601 -12.89 -14.95 -22.88
CA MET A 601 -12.03 -14.90 -21.71
C MET A 601 -12.38 -16.03 -20.75
N LEU A 602 -13.62 -16.04 -20.31
CA LEU A 602 -14.10 -17.13 -19.48
C LEU A 602 -13.78 -18.47 -20.11
N LYS A 603 -13.98 -18.57 -21.43
CA LYS A 603 -13.66 -19.79 -22.14
C LYS A 603 -12.24 -20.25 -21.84
N THR A 604 -11.28 -19.37 -22.06
CA THR A 604 -9.90 -19.65 -21.69
C THR A 604 -9.81 -20.10 -20.25
N VAL A 605 -10.53 -19.41 -19.38
CA VAL A 605 -10.35 -19.58 -17.94
C VAL A 605 -10.66 -21.01 -17.51
N TYR A 606 -11.57 -21.64 -18.25
CA TYR A 606 -11.98 -23.00 -17.93
C TYR A 606 -11.52 -23.93 -19.02
N SER A 607 -10.35 -23.64 -19.61
CA SER A 607 -9.86 -24.45 -20.72
C SER A 607 -9.94 -25.94 -20.46
N ASP A 608 -9.38 -26.37 -19.35
CA ASP A 608 -9.42 -27.79 -19.02
C ASP A 608 -9.62 -27.99 -17.53
N VAL A 609 -10.42 -27.14 -16.89
CA VAL A 609 -10.56 -27.28 -15.46
C VAL A 609 -11.52 -28.42 -15.10
N GLU A 610 -11.40 -28.94 -13.89
CA GLU A 610 -12.27 -30.06 -13.46
C GLU A 610 -13.68 -29.59 -13.11
N ASN A 611 -13.93 -29.29 -11.85
CA ASN A 611 -15.23 -28.75 -11.48
C ASN A 611 -15.01 -27.29 -11.19
N PRO A 612 -15.45 -26.43 -12.12
CA PRO A 612 -15.20 -24.99 -11.97
C PRO A 612 -16.03 -24.32 -10.91
N HIS A 613 -15.41 -24.00 -9.79
CA HIS A 613 -16.10 -23.33 -8.70
C HIS A 613 -15.60 -21.90 -8.65
N LEU A 614 -15.58 -21.25 -9.81
CA LEU A 614 -14.84 -20.01 -10.02
C LEU A 614 -15.12 -18.97 -8.93
N MET A 615 -14.10 -18.16 -8.62
CA MET A 615 -14.13 -17.25 -7.49
C MET A 615 -13.03 -16.19 -7.61
N GLY A 616 -13.31 -14.97 -7.12
CA GLY A 616 -12.37 -13.86 -7.13
C GLY A 616 -12.15 -13.27 -5.75
N TRP A 617 -11.59 -12.07 -5.63
CA TRP A 617 -11.26 -11.50 -4.31
C TRP A 617 -10.88 -10.04 -4.47
N ASP A 618 -10.38 -9.47 -3.37
CA ASP A 618 -9.91 -8.09 -3.30
C ASP A 618 -8.96 -7.93 -2.12
N TYR A 619 -7.98 -7.05 -2.27
CA TYR A 619 -6.98 -6.82 -1.23
C TYR A 619 -7.29 -5.53 -0.49
N PRO A 620 -7.45 -5.59 0.83
CA PRO A 620 -7.74 -4.38 1.60
C PRO A 620 -6.64 -3.35 1.44
N LYS A 621 -7.00 -2.22 0.83
CA LYS A 621 -6.12 -1.05 0.73
C LYS A 621 -4.76 -1.45 0.16
N CYS A 622 -4.79 -1.91 -1.10
CA CYS A 622 -3.57 -2.45 -1.68
C CYS A 622 -2.53 -1.37 -1.89
N ASP A 623 -2.92 -0.19 -2.35
CA ASP A 623 -1.94 0.80 -2.73
C ASP A 623 -1.27 1.49 -1.53
N ARG A 624 -1.63 1.13 -0.30
CA ARG A 624 -1.01 1.71 0.88
C ARG A 624 -0.29 0.68 1.73
N ALA A 625 -0.96 -0.40 2.10
CA ALA A 625 -0.32 -1.41 2.94
C ALA A 625 0.62 -2.30 2.16
N MET A 626 0.98 -1.93 0.93
CA MET A 626 1.87 -2.74 0.10
C MET A 626 3.19 -3.01 0.81
N PRO A 627 3.47 -4.25 1.17
CA PRO A 627 4.66 -4.53 1.99
C PRO A 627 5.96 -4.27 1.27
N ASN A 628 7.08 -4.62 1.89
CA ASN A 628 8.39 -4.16 1.43
C ASN A 628 9.09 -5.14 0.50
N MET A 629 9.38 -6.35 0.98
CA MET A 629 10.16 -7.27 0.16
C MET A 629 9.40 -7.70 -1.08
N LEU A 630 8.08 -7.85 -0.98
CA LEU A 630 7.29 -8.23 -2.15
C LEU A 630 7.33 -7.15 -3.22
N ARG A 631 7.25 -5.88 -2.81
CA ARG A 631 7.31 -4.80 -3.78
C ARG A 631 8.65 -4.76 -4.50
N ILE A 632 9.70 -5.32 -3.91
CA ILE A 632 10.97 -5.45 -4.62
C ILE A 632 10.94 -6.66 -5.55
N MET A 633 10.60 -7.83 -5.01
CA MET A 633 10.48 -9.02 -5.84
C MET A 633 9.77 -8.73 -7.14
N ALA A 634 8.63 -8.05 -7.07
CA ALA A 634 7.86 -7.73 -8.26
C ALA A 634 8.69 -6.98 -9.29
N SER A 635 9.36 -5.93 -8.85
CA SER A 635 10.20 -5.14 -9.75
C SER A 635 11.36 -5.97 -10.33
N LEU A 636 11.90 -6.90 -9.54
CA LEU A 636 13.00 -7.72 -10.03
C LEU A 636 12.51 -8.72 -11.07
N VAL A 637 11.37 -9.37 -10.82
CA VAL A 637 10.77 -10.22 -11.84
C VAL A 637 10.46 -9.41 -13.09
N LEU A 638 10.10 -8.17 -12.93
CA LEU A 638 9.80 -7.37 -14.10
C LEU A 638 11.02 -7.05 -14.94
N ALA A 639 12.21 -7.58 -14.64
CA ALA A 639 13.43 -7.19 -15.32
C ALA A 639 14.29 -8.33 -15.83
N ARG A 640 14.00 -9.58 -15.45
CA ARG A 640 14.75 -10.70 -15.99
C ARG A 640 14.63 -10.78 -17.50
N LYS A 641 13.81 -9.95 -18.11
CA LYS A 641 13.77 -9.81 -19.55
C LYS A 641 14.85 -8.90 -20.05
N HIS A 642 15.94 -8.73 -19.29
CA HIS A 642 17.04 -7.89 -19.73
C HIS A 642 18.37 -8.62 -19.84
N THR A 643 18.43 -9.91 -19.53
CA THR A 643 19.74 -10.52 -19.38
C THR A 643 20.40 -10.82 -20.71
N THR A 644 20.28 -9.91 -21.67
CA THR A 644 20.92 -10.07 -22.96
C THR A 644 21.31 -8.66 -23.35
N CYS A 645 21.14 -7.71 -22.44
CA CYS A 645 21.41 -6.32 -22.77
C CYS A 645 21.98 -5.47 -21.63
N CYS A 646 21.65 -5.79 -20.37
CA CYS A 646 22.10 -4.96 -19.25
C CYS A 646 23.13 -5.62 -18.35
N SER A 647 24.14 -4.86 -17.90
CA SER A 647 25.07 -5.43 -16.94
C SER A 647 24.41 -5.56 -15.58
N LEU A 648 24.63 -6.68 -14.92
CA LEU A 648 24.03 -6.91 -13.60
C LEU A 648 24.26 -5.75 -12.66
N SER A 649 25.32 -4.97 -12.88
CA SER A 649 25.48 -3.70 -12.17
C SER A 649 24.41 -2.70 -12.61
N HIS A 650 24.24 -2.55 -13.93
CA HIS A 650 23.16 -1.69 -14.42
C HIS A 650 21.84 -2.10 -13.80
N ARG A 651 21.62 -3.41 -13.67
CA ARG A 651 20.36 -3.91 -13.14
C ARG A 651 20.21 -3.56 -11.68
N PHE A 652 21.27 -3.69 -10.89
CA PHE A 652 21.15 -3.31 -9.48
C PHE A 652 20.86 -1.82 -9.35
N TYR A 653 21.57 -0.98 -10.08
CA TYR A 653 21.34 0.45 -9.92
C TYR A 653 19.98 0.87 -10.44
N ARG A 654 19.45 0.17 -11.43
CA ARG A 654 18.08 0.42 -11.88
C ARG A 654 17.08 0.04 -10.79
N LEU A 655 17.25 -1.14 -10.20
CA LEU A 655 16.42 -1.52 -9.07
C LEU A 655 16.47 -0.49 -7.97
N ALA A 656 17.65 0.09 -7.75
CA ALA A 656 17.78 1.10 -6.71
C ALA A 656 17.00 2.35 -7.07
N ASN A 657 17.11 2.80 -8.32
CA ASN A 657 16.35 3.97 -8.73
C ASN A 657 14.86 3.76 -8.48
N GLU A 658 14.35 2.57 -8.78
CA GLU A 658 12.94 2.33 -8.54
C GLU A 658 12.64 2.29 -7.04
N CYS A 659 13.30 1.39 -6.31
CA CYS A 659 13.04 1.27 -4.87
C CYS A 659 13.30 2.57 -4.12
N ALA A 660 13.84 3.59 -4.79
CA ALA A 660 13.86 4.93 -4.23
C ALA A 660 12.66 5.74 -4.68
N GLN A 661 12.34 5.73 -5.98
CA GLN A 661 11.25 6.57 -6.46
C GLN A 661 9.88 5.98 -6.18
N VAL A 662 9.78 4.82 -5.54
CA VAL A 662 8.49 4.21 -5.30
C VAL A 662 8.31 3.81 -3.84
N LEU A 663 9.19 2.96 -3.32
CA LEU A 663 8.92 2.39 -2.01
C LEU A 663 9.05 3.43 -0.91
N SER A 664 9.85 4.47 -1.10
CA SER A 664 9.98 5.53 -0.11
C SER A 664 10.62 6.74 -0.75
N GLU A 665 9.94 7.88 -0.76
CA GLU A 665 10.48 9.07 -1.38
C GLU A 665 9.79 10.30 -0.78
N MET A 666 9.97 11.44 -1.43
CA MET A 666 9.38 12.69 -0.96
C MET A 666 7.96 12.82 -1.45
N VAL A 667 7.10 13.41 -0.62
CA VAL A 667 5.70 13.57 -0.93
C VAL A 667 5.24 14.96 -0.47
N MET A 668 4.98 15.85 -1.43
CA MET A 668 4.39 17.15 -1.12
C MET A 668 2.95 16.96 -0.71
N CYS A 669 2.67 17.00 0.60
CA CYS A 669 1.31 16.89 1.12
C CYS A 669 0.81 18.30 1.43
N GLY A 670 0.48 19.03 0.37
CA GLY A 670 0.13 20.42 0.50
C GLY A 670 1.36 21.30 0.56
N GLY A 671 2.03 21.30 1.69
CA GLY A 671 3.33 21.95 1.81
C GLY A 671 4.26 21.19 2.74
N SER A 672 3.79 20.06 3.26
CA SER A 672 4.44 19.36 4.35
C SER A 672 5.14 18.13 3.80
N LEU A 673 6.43 18.27 3.51
CA LEU A 673 7.22 17.21 2.88
C LEU A 673 7.50 16.12 3.89
N TYR A 674 6.76 15.02 3.82
CA TYR A 674 7.00 13.88 4.66
C TYR A 674 7.85 12.85 3.93
N VAL A 675 7.97 11.66 4.52
CA VAL A 675 8.69 10.56 3.92
C VAL A 675 7.72 9.39 3.77
N LYS A 676 7.48 8.97 2.53
CA LYS A 676 6.56 7.89 2.24
C LYS A 676 7.11 6.58 2.80
N PRO A 677 6.57 6.05 3.90
CA PRO A 677 7.16 4.88 4.53
C PRO A 677 6.88 3.56 3.82
N GLY A 678 6.30 3.59 2.62
CA GLY A 678 6.03 2.39 1.89
C GLY A 678 4.80 2.56 1.02
N GLY A 679 4.24 1.42 0.61
CA GLY A 679 3.00 1.45 -0.15
C GLY A 679 3.21 1.21 -1.62
N THR A 680 2.46 1.92 -2.46
CA THR A 680 2.57 1.78 -3.91
C THR A 680 1.96 3.00 -4.57
N SER A 681 2.70 3.62 -5.47
CA SER A 681 2.21 4.79 -6.18
C SER A 681 1.06 4.38 -7.08
N SER A 682 -0.16 4.73 -6.67
CA SER A 682 -1.32 4.42 -7.50
C SER A 682 -1.18 5.03 -8.87
N GLY A 683 -0.71 6.27 -8.95
CA GLY A 683 -0.64 6.97 -10.22
C GLY A 683 0.55 6.61 -11.07
N ASP A 684 1.08 5.40 -10.90
CA ASP A 684 2.24 4.96 -11.65
C ASP A 684 1.83 3.99 -12.76
N ALA A 685 2.50 4.10 -13.92
CA ALA A 685 2.22 3.21 -15.03
C ALA A 685 2.51 1.77 -14.64
N THR A 686 3.76 1.46 -14.34
CA THR A 686 4.10 0.08 -13.99
C THR A 686 3.37 -0.41 -12.76
N THR A 687 2.67 0.47 -12.05
CA THR A 687 1.96 0.03 -10.86
C THR A 687 0.96 -1.06 -11.19
N ALA A 688 0.23 -0.92 -12.29
CA ALA A 688 -0.83 -1.88 -12.60
C ALA A 688 -0.26 -3.28 -12.80
N TYR A 689 0.58 -3.45 -13.82
CA TYR A 689 1.19 -4.76 -14.01
C TYR A 689 2.05 -5.15 -12.82
N ALA A 690 2.53 -4.18 -12.05
CA ALA A 690 3.38 -4.50 -10.91
C ALA A 690 2.58 -5.23 -9.86
N ASN A 691 1.51 -4.62 -9.37
CA ASN A 691 0.67 -5.33 -8.44
C ASN A 691 -0.06 -6.47 -9.10
N SER A 692 0.02 -6.60 -10.43
CA SER A 692 -0.53 -7.80 -11.05
C SER A 692 0.50 -8.85 -10.69
N VAL A 693 1.79 -8.59 -10.88
CA VAL A 693 2.83 -9.50 -10.44
C VAL A 693 2.67 -9.79 -8.96
N PHE A 694 2.31 -8.79 -8.19
CA PHE A 694 2.12 -8.96 -6.77
C PHE A 694 0.94 -9.87 -6.48
N ASN A 695 -0.11 -9.75 -7.30
CA ASN A 695 -1.28 -10.58 -7.16
C ASN A 695 -0.94 -12.03 -7.44
N ILE A 696 -0.25 -12.25 -8.55
CA ILE A 696 0.22 -13.61 -8.86
C ILE A 696 1.14 -14.10 -7.76
N CYS A 697 1.96 -13.20 -7.22
CA CYS A 697 2.90 -13.58 -6.18
C CYS A 697 2.08 -14.06 -5.01
N GLN A 698 1.15 -13.24 -4.54
CA GLN A 698 0.29 -13.62 -3.44
C GLN A 698 -0.36 -14.94 -3.72
N ALA A 699 -0.88 -15.10 -4.94
CA ALA A 699 -1.49 -16.36 -5.33
C ALA A 699 -0.49 -17.49 -5.24
N VAL A 700 0.57 -17.45 -6.05
CA VAL A 700 1.57 -18.53 -6.06
C VAL A 700 1.97 -18.86 -4.64
N THR A 701 2.27 -17.84 -3.83
CA THR A 701 2.58 -18.07 -2.43
C THR A 701 1.48 -18.89 -1.81
N ALA A 702 0.24 -18.42 -1.73
CA ALA A 702 -0.90 -19.12 -1.20
C ALA A 702 -0.85 -20.58 -1.58
N ASN A 703 -0.51 -20.85 -2.82
CA ASN A 703 -0.47 -22.24 -3.25
C ASN A 703 0.68 -22.99 -2.58
N VAL A 704 1.81 -22.31 -2.38
CA VAL A 704 2.92 -22.93 -1.68
C VAL A 704 2.53 -23.25 -0.25
N ASN A 705 1.98 -22.24 0.43
CA ASN A 705 1.53 -22.41 1.80
C ASN A 705 0.41 -23.44 1.90
N ALA A 706 -0.34 -23.62 0.82
CA ALA A 706 -1.38 -24.63 0.79
C ALA A 706 -0.76 -26.01 0.74
N LEU A 707 0.04 -26.26 -0.28
CA LEU A 707 0.75 -27.53 -0.40
C LEU A 707 1.41 -27.90 0.92
N LEU A 708 2.24 -27.00 1.44
CA LEU A 708 2.95 -27.29 2.67
C LEU A 708 2.02 -27.36 3.86
N SER A 709 0.86 -26.71 3.79
CA SER A 709 -0.10 -26.71 4.87
C SER A 709 -1.02 -27.91 4.82
N THR A 710 -0.57 -29.00 4.20
CA THR A 710 -1.39 -30.17 3.98
C THR A 710 -0.53 -31.40 4.11
N ASP A 711 -0.82 -32.24 5.11
CA ASP A 711 -0.05 -33.46 5.35
C ASP A 711 -0.10 -34.40 4.16
N GLY A 712 1.05 -34.61 3.51
CA GLY A 712 1.08 -35.55 2.40
C GLY A 712 0.81 -36.97 2.83
N ASN A 713 1.11 -37.32 4.08
CA ASN A 713 0.94 -38.68 4.56
C ASN A 713 -0.49 -39.15 4.33
N LYS A 714 -1.47 -38.37 4.79
CA LYS A 714 -2.85 -38.79 4.67
C LYS A 714 -3.30 -38.80 3.21
N ILE A 715 -2.69 -37.97 2.37
CA ILE A 715 -3.07 -37.95 0.96
C ILE A 715 -2.73 -39.29 0.31
N ALA A 716 -3.59 -39.73 -0.60
CA ALA A 716 -3.36 -40.96 -1.35
C ALA A 716 -2.92 -40.70 -2.79
N ASP A 717 -3.23 -39.54 -3.36
CA ASP A 717 -2.69 -39.17 -4.65
C ASP A 717 -1.16 -39.14 -4.59
N LYS A 718 -0.51 -39.31 -5.74
CA LYS A 718 0.93 -39.47 -5.77
C LYS A 718 1.68 -38.49 -6.65
N TYR A 719 1.06 -37.87 -7.64
CA TYR A 719 1.81 -36.96 -8.50
C TYR A 719 2.12 -35.65 -7.77
N VAL A 720 1.07 -34.96 -7.31
CA VAL A 720 1.28 -33.69 -6.63
C VAL A 720 2.06 -33.86 -5.33
N ARG A 721 2.03 -35.05 -4.73
CA ARG A 721 2.84 -35.31 -3.54
C ARG A 721 4.31 -35.05 -3.82
N ASN A 722 4.86 -35.78 -4.78
CA ASN A 722 6.22 -35.58 -5.26
C ASN A 722 6.34 -34.37 -6.16
N LEU A 723 5.29 -33.56 -6.26
CA LEU A 723 5.46 -32.18 -6.70
C LEU A 723 5.81 -31.29 -5.51
N GLN A 724 5.07 -31.47 -4.42
CA GLN A 724 5.26 -30.64 -3.22
C GLN A 724 6.62 -30.89 -2.59
N HIS A 725 6.99 -32.15 -2.43
CA HIS A 725 8.27 -32.44 -1.78
C HIS A 725 9.43 -31.85 -2.55
N ARG A 726 9.43 -32.00 -3.86
CA ARG A 726 10.52 -31.45 -4.62
C ARG A 726 10.43 -29.95 -4.78
N LEU A 727 9.25 -29.35 -4.59
CA LEU A 727 9.25 -27.88 -4.59
C LEU A 727 9.82 -27.33 -3.29
N TYR A 728 9.62 -28.04 -2.18
CA TYR A 728 10.38 -27.80 -0.96
C TYR A 728 11.88 -27.81 -1.27
N GLU A 729 12.36 -28.95 -1.78
CA GLU A 729 13.76 -29.05 -2.19
C GLU A 729 14.16 -27.87 -3.06
N CYS A 730 13.25 -27.40 -3.90
CA CYS A 730 13.56 -26.31 -4.81
C CYS A 730 13.87 -25.02 -4.06
N LEU A 731 12.94 -24.56 -3.24
CA LEU A 731 13.09 -23.21 -2.73
C LEU A 731 13.77 -23.09 -1.38
N TYR A 732 13.67 -24.09 -0.50
CA TYR A 732 14.19 -23.92 0.85
C TYR A 732 15.50 -24.67 1.11
N ARG A 733 15.78 -25.74 0.37
CA ARG A 733 16.96 -26.54 0.67
C ARG A 733 18.12 -26.22 -0.26
N ASN A 734 17.86 -25.72 -1.45
CA ASN A 734 18.89 -25.39 -2.42
C ASN A 734 18.79 -23.92 -2.81
N ARG A 735 19.75 -23.46 -3.62
CA ARG A 735 19.85 -22.04 -3.96
C ARG A 735 19.77 -21.76 -5.44
N ASP A 736 20.29 -22.64 -6.28
CA ASP A 736 20.33 -22.42 -7.71
C ASP A 736 18.95 -22.64 -8.32
N VAL A 737 18.61 -21.79 -9.29
CA VAL A 737 17.33 -21.94 -9.99
C VAL A 737 17.32 -23.27 -10.73
N ASP A 738 16.22 -24.00 -10.59
CA ASP A 738 16.07 -25.36 -11.13
C ASP A 738 14.99 -25.33 -12.19
N THR A 739 15.39 -25.02 -13.43
CA THR A 739 14.43 -24.74 -14.49
C THR A 739 13.40 -25.85 -14.64
N ASP A 740 13.81 -27.10 -14.41
CA ASP A 740 12.88 -28.22 -14.50
C ASP A 740 11.64 -27.96 -13.64
N PHE A 741 11.85 -27.64 -12.37
CA PHE A 741 10.71 -27.62 -11.47
C PHE A 741 9.92 -26.33 -11.58
N VAL A 742 10.57 -25.22 -11.91
CA VAL A 742 9.79 -24.01 -12.16
C VAL A 742 8.91 -24.20 -13.38
N ASN A 743 9.41 -24.89 -14.41
CA ASN A 743 8.58 -25.15 -15.59
C ASN A 743 7.43 -26.08 -15.25
N GLU A 744 7.72 -27.19 -14.59
CA GLU A 744 6.68 -28.15 -14.26
C GLU A 744 5.59 -27.51 -13.40
N PHE A 745 6.00 -26.79 -12.35
CA PHE A 745 5.03 -26.18 -11.45
C PHE A 745 4.25 -25.08 -12.14
N TYR A 746 4.90 -24.30 -12.99
CA TYR A 746 4.17 -23.30 -13.74
C TYR A 746 3.10 -23.93 -14.59
N ALA A 747 3.43 -25.04 -15.26
CA ALA A 747 2.42 -25.77 -16.01
C ALA A 747 1.28 -26.19 -15.08
N TYR A 748 1.59 -26.99 -14.06
CA TYR A 748 0.59 -27.46 -13.11
C TYR A 748 -0.30 -26.33 -12.60
N LEU A 749 0.25 -25.13 -12.45
CA LEU A 749 -0.59 -24.01 -12.08
C LEU A 749 -1.49 -23.61 -13.24
N ARG A 750 -0.92 -23.52 -14.45
CA ARG A 750 -1.75 -23.23 -15.60
C ARG A 750 -2.85 -24.26 -15.81
N LYS A 751 -2.78 -25.40 -15.13
CA LYS A 751 -3.79 -26.44 -15.27
C LYS A 751 -4.93 -26.29 -14.28
N HIS A 752 -4.63 -26.36 -12.98
CA HIS A 752 -5.68 -26.49 -11.99
C HIS A 752 -6.08 -25.17 -11.36
N PHE A 753 -5.41 -24.07 -11.68
CA PHE A 753 -5.66 -22.81 -11.01
C PHE A 753 -5.63 -21.71 -12.05
N SER A 754 -6.29 -21.94 -13.16
CA SER A 754 -6.31 -20.93 -14.21
C SER A 754 -6.73 -19.60 -13.63
N MET A 755 -5.91 -18.60 -13.85
CA MET A 755 -6.14 -17.29 -13.27
C MET A 755 -6.40 -16.27 -14.37
N MET A 756 -7.27 -15.33 -14.07
CA MET A 756 -7.55 -14.18 -14.93
C MET A 756 -7.22 -12.95 -14.10
N ILE A 757 -6.16 -12.24 -14.47
CA ILE A 757 -5.61 -11.18 -13.64
C ILE A 757 -5.60 -9.90 -14.44
N LEU A 758 -6.46 -8.95 -14.06
CA LEU A 758 -6.49 -7.63 -14.66
C LEU A 758 -5.75 -6.69 -13.72
N SER A 759 -5.67 -5.40 -14.07
CA SER A 759 -4.85 -4.47 -13.33
C SER A 759 -5.27 -4.47 -11.88
N ASP A 760 -4.44 -5.07 -11.03
CA ASP A 760 -4.69 -5.32 -9.61
C ASP A 760 -6.03 -6.01 -9.36
N ASP A 761 -6.63 -6.60 -10.39
CA ASP A 761 -7.94 -7.26 -10.29
C ASP A 761 -7.82 -8.73 -10.70
N ALA A 762 -8.52 -9.61 -9.98
CA ALA A 762 -8.29 -11.05 -10.05
C ALA A 762 -9.57 -11.84 -10.17
N VAL A 763 -9.53 -12.90 -10.99
CA VAL A 763 -10.53 -13.95 -10.99
C VAL A 763 -9.84 -15.28 -11.25
N VAL A 764 -10.33 -16.33 -10.62
CA VAL A 764 -9.67 -17.63 -10.70
C VAL A 764 -10.71 -18.69 -10.96
N CYS A 765 -10.28 -19.80 -11.56
CA CYS A 765 -11.11 -20.95 -11.80
C CYS A 765 -10.37 -22.17 -11.31
N PHE A 766 -11.00 -22.98 -10.47
CA PHE A 766 -10.22 -23.97 -9.77
C PHE A 766 -11.01 -25.23 -9.52
N ASN A 767 -10.34 -26.37 -9.72
CA ASN A 767 -10.87 -27.64 -9.28
C ASN A 767 -11.28 -27.54 -7.82
N SER A 768 -12.51 -27.95 -7.56
CA SER A 768 -12.99 -27.95 -6.19
C SER A 768 -12.62 -29.21 -5.42
N THR A 769 -12.36 -30.32 -6.11
CA THR A 769 -12.09 -31.57 -5.40
C THR A 769 -10.76 -31.52 -4.66
N TYR A 770 -9.76 -30.99 -5.36
CA TYR A 770 -8.43 -30.85 -4.78
C TYR A 770 -8.48 -30.04 -3.51
N ALA A 771 -9.26 -28.96 -3.52
CA ALA A 771 -9.32 -28.08 -2.36
C ALA A 771 -10.12 -28.67 -1.21
N SER A 772 -10.95 -29.67 -1.48
CA SER A 772 -11.68 -30.34 -0.41
C SER A 772 -10.70 -31.10 0.46
N GLN A 773 -9.66 -31.67 -0.15
CA GLN A 773 -8.63 -32.35 0.63
C GLN A 773 -7.49 -31.38 0.89
N GLY A 774 -7.54 -30.22 0.23
CA GLY A 774 -6.49 -29.23 0.40
C GLY A 774 -5.33 -29.43 -0.53
N LEU A 775 -5.30 -28.72 -1.65
CA LEU A 775 -4.17 -28.81 -2.58
C LEU A 775 -3.86 -27.46 -3.21
N VAL A 776 -4.89 -26.71 -3.60
CA VAL A 776 -4.68 -25.44 -4.27
C VAL A 776 -5.29 -24.34 -3.41
N ALA A 777 -5.23 -23.11 -3.91
CA ALA A 777 -5.60 -21.93 -3.13
C ALA A 777 -7.09 -21.93 -2.82
N SER A 778 -7.42 -22.18 -1.55
CA SER A 778 -8.79 -22.05 -1.04
C SER A 778 -9.11 -20.59 -0.82
N ILE A 779 -10.15 -20.31 -0.03
CA ILE A 779 -10.47 -18.93 0.28
C ILE A 779 -9.81 -18.51 1.59
N LYS A 780 -9.63 -19.45 2.51
CA LYS A 780 -9.09 -19.08 3.81
C LYS A 780 -7.58 -18.98 3.81
N ASN A 781 -6.89 -19.84 3.05
CA ASN A 781 -5.43 -19.79 3.05
C ASN A 781 -4.93 -18.50 2.42
N PHE A 782 -5.53 -18.11 1.30
CA PHE A 782 -5.15 -16.87 0.63
C PHE A 782 -5.36 -15.65 1.52
N LYS A 783 -6.10 -15.79 2.61
CA LYS A 783 -6.27 -14.70 3.56
C LYS A 783 -5.30 -14.79 4.73
N SER A 784 -5.18 -15.97 5.32
CA SER A 784 -4.20 -16.17 6.38
C SER A 784 -2.82 -15.73 5.95
N VAL A 785 -2.52 -15.82 4.66
CA VAL A 785 -1.23 -15.34 4.19
C VAL A 785 -1.25 -13.83 4.00
N LEU A 786 -2.32 -13.32 3.40
CA LEU A 786 -2.43 -11.90 3.17
C LEU A 786 -2.17 -11.12 4.44
N TYR A 787 -2.63 -11.67 5.57
CA TYR A 787 -2.50 -10.97 6.85
C TYR A 787 -1.04 -10.73 7.19
N TYR A 788 -0.29 -11.79 7.42
CA TYR A 788 1.08 -11.66 7.90
C TYR A 788 2.07 -11.24 6.83
N GLN A 789 1.65 -11.06 5.59
CA GLN A 789 2.63 -10.52 4.66
C GLN A 789 2.27 -9.16 4.09
N ASN A 790 1.04 -8.68 4.26
CA ASN A 790 0.63 -7.43 3.65
C ASN A 790 0.33 -6.35 4.66
N ASN A 791 0.13 -6.69 5.93
CA ASN A 791 -0.27 -5.71 6.93
C ASN A 791 -1.63 -5.09 6.58
N VAL A 792 -2.56 -5.93 6.15
CA VAL A 792 -3.97 -5.57 6.06
C VAL A 792 -4.79 -6.81 6.39
N PHE A 793 -6.12 -6.68 6.36
CA PHE A 793 -7.00 -7.78 6.74
C PHE A 793 -8.20 -7.82 5.81
N MET A 794 -8.42 -8.98 5.21
CA MET A 794 -9.48 -9.20 4.24
C MET A 794 -10.57 -10.04 4.89
N SER A 795 -11.70 -9.41 5.18
CA SER A 795 -12.80 -10.11 5.83
C SER A 795 -13.44 -11.09 4.87
N GLU A 796 -13.58 -12.34 5.31
CA GLU A 796 -14.17 -13.38 4.47
C GLU A 796 -15.52 -12.96 3.92
N ALA A 797 -16.24 -12.11 4.65
CA ALA A 797 -17.52 -11.62 4.16
C ALA A 797 -17.34 -10.84 2.87
N LYS A 798 -16.19 -10.23 2.68
CA LYS A 798 -15.91 -9.52 1.44
C LYS A 798 -15.13 -10.39 0.46
N CYS A 799 -15.59 -11.62 0.24
CA CYS A 799 -15.03 -12.47 -0.82
C CYS A 799 -15.97 -13.63 -1.06
N TRP A 800 -16.23 -13.93 -2.32
CA TRP A 800 -17.35 -14.75 -2.73
C TRP A 800 -16.88 -16.01 -3.45
N THR A 801 -17.83 -16.86 -3.79
CA THR A 801 -17.53 -18.17 -4.36
C THR A 801 -18.74 -18.63 -5.16
N GLU A 802 -18.64 -18.54 -6.49
CA GLU A 802 -19.69 -19.06 -7.36
C GLU A 802 -19.48 -20.57 -7.56
N THR A 803 -20.48 -21.37 -7.22
CA THR A 803 -20.34 -22.82 -7.21
C THR A 803 -21.06 -23.51 -8.36
N ASP A 804 -21.50 -22.77 -9.38
CA ASP A 804 -22.18 -23.35 -10.53
C ASP A 804 -21.84 -22.50 -11.75
N LEU A 805 -20.96 -23.03 -12.60
CA LEU A 805 -20.48 -22.27 -13.74
C LEU A 805 -21.60 -21.82 -14.68
N THR A 806 -22.77 -22.46 -14.59
CA THR A 806 -23.91 -22.02 -15.39
C THR A 806 -24.11 -20.52 -15.27
N LYS A 807 -23.97 -19.99 -14.06
CA LYS A 807 -23.90 -18.56 -13.84
C LYS A 807 -22.44 -18.13 -13.86
N GLY A 808 -22.21 -16.86 -14.20
CA GLY A 808 -20.87 -16.33 -14.30
C GLY A 808 -20.22 -16.13 -12.95
N PRO A 809 -19.23 -15.24 -12.90
CA PRO A 809 -18.63 -14.90 -11.61
C PRO A 809 -19.48 -13.86 -10.91
N HIS A 810 -19.61 -14.01 -9.59
CA HIS A 810 -20.38 -13.04 -8.82
C HIS A 810 -19.88 -11.63 -9.05
N GLU A 811 -18.56 -11.45 -9.03
CA GLU A 811 -18.01 -10.14 -9.39
C GLU A 811 -16.57 -10.29 -9.83
N PHE A 812 -16.27 -9.73 -11.00
CA PHE A 812 -14.93 -9.46 -11.46
C PHE A 812 -14.98 -8.12 -12.16
N CYS A 813 -13.92 -7.33 -12.01
CA CYS A 813 -13.87 -5.98 -12.58
C CYS A 813 -15.17 -5.22 -12.28
N SER A 814 -15.80 -5.56 -11.17
CA SER A 814 -17.10 -5.02 -10.78
C SER A 814 -18.17 -5.38 -11.81
N GLN A 815 -18.30 -6.69 -12.07
CA GLN A 815 -19.32 -7.14 -13.01
C GLN A 815 -19.83 -8.52 -12.59
N HIS A 816 -21.13 -8.74 -12.78
CA HIS A 816 -21.74 -10.07 -12.70
C HIS A 816 -22.02 -10.59 -14.10
N THR A 817 -22.05 -11.91 -14.25
CA THR A 817 -22.23 -12.54 -15.55
C THR A 817 -23.36 -13.56 -15.51
N MET A 818 -24.18 -13.53 -16.56
CA MET A 818 -25.36 -14.37 -16.72
C MET A 818 -25.11 -15.39 -17.83
N LEU A 819 -26.14 -16.15 -18.17
CA LEU A 819 -26.08 -17.15 -19.23
C LEU A 819 -27.33 -17.00 -20.10
N VAL A 820 -27.15 -16.58 -21.35
CA VAL A 820 -28.28 -16.33 -22.23
C VAL A 820 -28.19 -17.25 -23.44
N LYS A 821 -29.12 -17.09 -24.38
CA LYS A 821 -29.20 -17.96 -25.55
C LYS A 821 -29.21 -17.14 -26.83
N GLN A 822 -28.26 -16.20 -26.92
CA GLN A 822 -28.07 -15.45 -28.15
C GLN A 822 -27.76 -16.39 -29.30
N GLY A 823 -28.59 -16.36 -30.34
CA GLY A 823 -28.42 -17.26 -31.47
C GLY A 823 -28.61 -18.72 -31.11
N ASP A 824 -29.40 -19.00 -30.07
CA ASP A 824 -29.54 -20.35 -29.52
C ASP A 824 -28.20 -20.89 -29.06
N ASP A 825 -27.43 -20.05 -28.38
CA ASP A 825 -26.10 -20.41 -27.90
C ASP A 825 -25.96 -20.02 -26.44
N TYR A 826 -25.41 -20.92 -25.64
CA TYR A 826 -25.09 -20.66 -24.24
C TYR A 826 -23.84 -19.81 -24.16
N VAL A 827 -24.01 -18.48 -24.22
CA VAL A 827 -22.90 -17.55 -24.09
C VAL A 827 -22.93 -16.93 -22.70
N TYR A 828 -21.82 -16.30 -22.32
CA TYR A 828 -21.65 -15.67 -21.03
C TYR A 828 -21.51 -14.17 -21.21
N LEU A 829 -22.46 -13.42 -20.68
CA LEU A 829 -22.49 -11.98 -20.80
C LEU A 829 -22.37 -11.35 -19.42
N PRO A 830 -21.45 -10.41 -19.22
CA PRO A 830 -21.37 -9.70 -17.94
C PRO A 830 -22.13 -8.38 -17.97
N TYR A 831 -22.79 -8.10 -16.85
CA TYR A 831 -23.59 -6.89 -16.70
C TYR A 831 -23.20 -6.15 -15.43
N PRO A 832 -23.40 -4.84 -15.39
CA PRO A 832 -23.00 -4.05 -14.22
C PRO A 832 -24.06 -4.09 -13.14
N ASP A 833 -23.89 -3.28 -12.10
CA ASP A 833 -24.96 -3.07 -11.15
C ASP A 833 -25.88 -1.96 -11.65
N PRO A 834 -27.19 -2.16 -11.64
CA PRO A 834 -28.08 -1.17 -12.26
C PRO A 834 -28.05 0.15 -11.52
N SER A 835 -28.03 0.09 -10.19
CA SER A 835 -27.97 1.30 -9.39
C SER A 835 -26.70 2.08 -9.69
N ARG A 836 -25.58 1.38 -9.93
CA ARG A 836 -24.34 2.08 -10.27
C ARG A 836 -24.55 2.92 -11.52
N ILE A 837 -25.14 2.32 -12.55
CA ILE A 837 -25.38 3.03 -13.79
C ILE A 837 -26.35 4.18 -13.56
N LEU A 838 -27.39 3.93 -12.76
CA LEU A 838 -28.32 4.99 -12.41
C LEU A 838 -27.59 6.18 -11.81
N GLY A 839 -26.89 5.94 -10.71
CA GLY A 839 -26.18 7.02 -10.05
C GLY A 839 -25.22 7.73 -10.98
N ALA A 840 -24.46 6.96 -11.76
CA ALA A 840 -23.60 7.57 -12.77
C ALA A 840 -24.40 8.44 -13.71
N GLY A 841 -25.68 8.15 -13.88
CA GLY A 841 -26.51 8.96 -14.74
C GLY A 841 -26.79 10.35 -14.21
N CYS A 842 -27.56 10.47 -13.14
CA CYS A 842 -27.96 11.79 -12.66
C CYS A 842 -26.98 12.34 -11.63
N PHE A 843 -25.69 12.28 -11.95
CA PHE A 843 -24.64 12.90 -11.15
C PHE A 843 -23.48 13.16 -12.09
N VAL A 844 -23.38 14.38 -12.59
CA VAL A 844 -22.39 14.71 -13.60
C VAL A 844 -21.10 15.16 -12.94
N ASP A 845 -19.98 14.58 -13.37
CA ASP A 845 -18.68 14.89 -12.79
C ASP A 845 -18.12 16.19 -13.36
N ASP A 846 -17.92 16.24 -14.67
CA ASP A 846 -17.20 17.31 -15.32
C ASP A 846 -18.18 18.36 -15.85
N ILE A 847 -17.65 19.32 -16.60
CA ILE A 847 -18.50 20.30 -17.28
C ILE A 847 -19.10 19.65 -18.51
N VAL A 848 -20.43 19.67 -18.58
CA VAL A 848 -21.14 19.07 -19.71
C VAL A 848 -22.21 20.05 -20.18
N LYS A 849 -22.47 21.07 -19.37
CA LYS A 849 -23.56 22.00 -19.69
C LYS A 849 -23.26 22.80 -20.93
N THR A 850 -21.97 23.08 -21.20
CA THR A 850 -21.58 23.73 -22.43
C THR A 850 -21.91 22.86 -23.64
N ASP A 851 -21.25 21.71 -23.74
CA ASP A 851 -21.50 20.75 -24.80
C ASP A 851 -21.55 19.36 -24.17
N GLY A 852 -22.72 18.72 -24.23
CA GLY A 852 -22.91 17.45 -23.55
C GLY A 852 -22.20 16.28 -24.19
N THR A 853 -21.33 16.57 -25.15
CA THR A 853 -20.60 15.54 -25.89
C THR A 853 -20.05 14.45 -24.99
N LEU A 854 -19.22 14.84 -24.03
CA LEU A 854 -18.67 13.85 -23.10
C LEU A 854 -19.79 13.17 -22.32
N MET A 855 -20.80 13.93 -21.91
CA MET A 855 -21.92 13.33 -21.21
C MET A 855 -22.68 12.37 -22.10
N ILE A 856 -22.85 12.73 -23.38
CA ILE A 856 -23.47 11.81 -24.33
C ILE A 856 -22.68 10.51 -24.37
N GLU A 857 -21.36 10.61 -24.54
CA GLU A 857 -20.55 9.40 -24.59
C GLU A 857 -20.61 8.62 -23.29
N ARG A 858 -20.72 9.33 -22.17
CA ARG A 858 -20.88 8.66 -20.89
C ARG A 858 -22.17 7.84 -20.90
N PHE A 859 -23.25 8.44 -21.40
CA PHE A 859 -24.51 7.72 -21.52
C PHE A 859 -24.36 6.53 -22.45
N VAL A 860 -23.64 6.69 -23.55
CA VAL A 860 -23.43 5.57 -24.46
C VAL A 860 -22.75 4.43 -23.74
N SER A 861 -21.62 4.72 -23.09
CA SER A 861 -20.88 3.69 -22.36
C SER A 861 -21.77 3.02 -21.32
N LEU A 862 -22.59 3.81 -20.64
CA LEU A 862 -23.55 3.24 -19.70
C LEU A 862 -24.46 2.26 -20.41
N ALA A 863 -25.01 2.66 -21.56
CA ALA A 863 -25.92 1.80 -22.29
C ALA A 863 -25.24 0.54 -22.79
N ILE A 864 -23.96 0.64 -23.15
CA ILE A 864 -23.20 -0.53 -23.56
C ILE A 864 -23.01 -1.47 -22.39
N ASP A 865 -22.79 -0.92 -21.20
CA ASP A 865 -22.75 -1.76 -20.03
C ASP A 865 -24.12 -2.36 -19.73
N ALA A 866 -25.18 -1.65 -20.07
CA ALA A 866 -26.54 -1.99 -19.68
C ALA A 866 -27.24 -2.96 -20.62
N TYR A 867 -26.84 -3.00 -21.89
CA TYR A 867 -27.45 -3.87 -22.87
C TYR A 867 -27.52 -5.32 -22.39
N PRO A 868 -26.60 -5.81 -21.57
CA PRO A 868 -26.80 -7.13 -20.98
C PRO A 868 -27.83 -7.15 -19.87
N LEU A 869 -28.62 -6.09 -19.73
CA LEU A 869 -29.80 -6.15 -18.88
C LEU A 869 -31.05 -6.44 -19.67
N THR A 870 -31.12 -5.91 -20.89
CA THR A 870 -32.21 -6.23 -21.82
C THR A 870 -32.47 -7.72 -21.81
N LYS A 871 -31.42 -8.51 -21.76
CA LYS A 871 -31.56 -9.96 -21.68
C LYS A 871 -31.68 -10.46 -20.26
N HIS A 872 -31.67 -9.58 -19.27
CA HIS A 872 -31.74 -10.06 -17.91
C HIS A 872 -33.16 -10.51 -17.59
N PRO A 873 -33.32 -11.55 -16.78
CA PRO A 873 -34.66 -11.99 -16.39
C PRO A 873 -35.56 -10.88 -15.87
N ASN A 874 -35.10 -10.16 -14.85
CA ASN A 874 -35.93 -9.14 -14.22
C ASN A 874 -36.19 -7.98 -15.19
N GLN A 875 -37.46 -7.57 -15.27
CA GLN A 875 -37.86 -6.59 -16.28
C GLN A 875 -37.33 -5.20 -15.96
N GLU A 876 -37.53 -4.75 -14.73
CA GLU A 876 -37.08 -3.42 -14.30
C GLU A 876 -35.66 -3.15 -14.77
N TYR A 877 -34.79 -4.14 -14.58
CA TYR A 877 -33.45 -4.03 -15.12
C TYR A 877 -33.47 -3.68 -16.60
N ALA A 878 -34.35 -4.33 -17.36
CA ALA A 878 -34.40 -4.04 -18.80
C ALA A 878 -34.90 -2.62 -19.05
N ASP A 879 -35.88 -2.19 -18.26
CA ASP A 879 -36.37 -0.83 -18.41
C ASP A 879 -35.28 0.19 -18.11
N VAL A 880 -34.28 -0.19 -17.30
CA VAL A 880 -33.12 0.68 -17.13
C VAL A 880 -32.51 1.01 -18.48
N PHE A 881 -32.15 -0.03 -19.23
CA PHE A 881 -31.64 0.15 -20.58
C PHE A 881 -32.63 0.93 -21.43
N HIS A 882 -33.92 0.64 -21.26
CA HIS A 882 -34.92 1.27 -22.09
C HIS A 882 -34.93 2.78 -21.90
N LEU A 883 -34.90 3.21 -20.64
CA LEU A 883 -34.87 4.63 -20.36
C LEU A 883 -33.58 5.25 -20.84
N TYR A 884 -32.46 4.57 -20.63
CA TYR A 884 -31.20 5.10 -21.14
C TYR A 884 -31.30 5.32 -22.64
N LEU A 885 -31.85 4.32 -23.34
CA LEU A 885 -32.07 4.42 -24.78
C LEU A 885 -32.89 5.66 -25.10
N GLN A 886 -34.12 5.72 -24.59
CA GLN A 886 -35.01 6.82 -24.94
C GLN A 886 -34.39 8.16 -24.58
N TYR A 887 -33.63 8.19 -23.49
CA TYR A 887 -32.87 9.37 -23.12
C TYR A 887 -31.97 9.79 -24.26
N ILE A 888 -31.08 8.88 -24.66
CA ILE A 888 -30.17 9.16 -25.77
C ILE A 888 -30.94 9.53 -27.03
N ARG A 889 -32.11 8.93 -27.22
CA ARG A 889 -32.93 9.26 -28.38
C ARG A 889 -33.30 10.73 -28.37
N LYS A 890 -33.84 11.20 -27.24
CA LYS A 890 -34.16 12.63 -27.11
C LYS A 890 -32.91 13.48 -27.30
N LEU A 891 -31.79 13.03 -26.74
CA LEU A 891 -30.56 13.82 -26.79
C LEU A 891 -30.12 14.03 -28.23
N HIS A 892 -30.03 12.95 -29.00
CA HIS A 892 -29.65 13.07 -30.41
C HIS A 892 -30.72 13.80 -31.22
N ASP A 893 -32.00 13.67 -30.81
CA ASP A 893 -33.06 14.36 -31.51
C ASP A 893 -32.90 15.87 -31.39
N GLU A 894 -32.47 16.34 -30.22
CA GLU A 894 -32.29 17.77 -30.02
C GLU A 894 -31.42 18.38 -31.12
N LEU A 895 -30.43 17.63 -31.60
CA LEU A 895 -29.61 18.07 -32.71
C LEU A 895 -30.45 18.13 -33.98
N ASN A 911 -27.79 2.32 -38.86
CA ASN A 911 -28.10 1.48 -37.72
C ASN A 911 -26.87 1.32 -36.83
N THR A 912 -25.74 0.97 -37.44
CA THR A 912 -24.49 0.77 -36.70
C THR A 912 -23.72 2.05 -36.47
N SER A 913 -24.00 3.12 -37.21
CA SER A 913 -23.59 4.45 -36.78
C SER A 913 -24.68 5.13 -35.97
N ARG A 914 -25.89 4.59 -35.97
CA ARG A 914 -27.01 5.16 -35.24
C ARG A 914 -27.07 4.48 -33.87
N TYR A 915 -26.38 5.06 -32.88
CA TYR A 915 -26.37 4.41 -31.57
C TYR A 915 -27.73 4.46 -30.88
N TRP A 916 -28.65 5.25 -31.39
CA TRP A 916 -30.04 5.24 -30.93
C TRP A 916 -30.86 4.20 -31.67
N GLU A 917 -30.38 2.95 -31.64
CA GLU A 917 -30.97 1.72 -32.15
C GLU A 917 -30.41 0.59 -31.31
N PRO A 918 -31.26 -0.36 -30.88
CA PRO A 918 -30.75 -1.50 -30.11
C PRO A 918 -29.75 -2.35 -30.84
N GLU A 919 -29.66 -2.26 -32.17
CA GLU A 919 -28.77 -3.15 -32.90
C GLU A 919 -27.32 -2.75 -32.78
N PHE A 920 -27.03 -1.46 -32.60
CA PHE A 920 -25.67 -1.04 -32.30
C PHE A 920 -25.16 -1.71 -31.02
N TYR A 921 -25.96 -1.59 -29.96
CA TYR A 921 -25.62 -2.20 -28.68
C TYR A 921 -25.70 -3.71 -28.77
N GLU A 922 -26.43 -4.23 -29.75
CA GLU A 922 -26.42 -5.66 -30.01
C GLU A 922 -25.12 -6.10 -30.64
N ALA A 923 -24.65 -5.32 -31.62
CA ALA A 923 -23.39 -5.62 -32.29
C ALA A 923 -22.26 -5.71 -31.28
N MET A 924 -22.16 -4.71 -30.40
CA MET A 924 -21.03 -4.80 -29.48
C MET A 924 -21.28 -5.70 -28.27
N TYR A 925 -21.89 -6.87 -28.45
CA TYR A 925 -21.79 -7.94 -27.47
C TYR A 925 -21.86 -9.38 -27.99
N THR A 926 -22.37 -9.60 -29.18
CA THR A 926 -22.48 -10.99 -29.62
C THR A 926 -21.09 -11.55 -29.91
N PRO A 927 -20.79 -12.76 -29.45
CA PRO A 927 -19.40 -13.21 -29.44
C PRO A 927 -18.87 -13.70 -30.76
N HIS A 928 -19.14 -12.98 -31.85
CA HIS A 928 -18.41 -13.24 -33.08
C HIS A 928 -18.19 -12.00 -33.95
N THR A 929 -18.63 -10.82 -33.49
CA THR A 929 -18.53 -9.64 -34.34
C THR A 929 -17.07 -9.27 -34.62
N VAL A 930 -16.87 -8.60 -35.75
CA VAL A 930 -15.55 -8.08 -36.14
C VAL A 930 -15.76 -6.67 -36.70
N LEU A 931 -15.33 -5.67 -35.92
CA LEU A 931 -15.39 -4.28 -36.34
C LEU A 931 -14.44 -3.50 -35.45
N GLN A 932 -14.50 -2.17 -35.48
CA GLN A 932 -13.79 -1.28 -34.55
C GLN A 932 -13.74 -1.82 -33.12
N ASP B 78 10.24 24.78 -27.32
CA ASP B 78 10.75 26.00 -26.71
C ASP B 78 10.55 25.98 -25.20
N LYS B 79 9.36 25.54 -24.77
CA LYS B 79 9.03 25.50 -23.35
C LYS B 79 9.96 24.58 -22.58
N ARG B 80 10.62 23.63 -23.26
CA ARG B 80 11.56 22.75 -22.59
C ARG B 80 12.70 23.54 -21.96
N ALA B 81 13.20 24.56 -22.68
CA ALA B 81 14.22 25.44 -22.10
C ALA B 81 13.69 26.12 -20.85
N LYS B 82 12.44 26.60 -20.90
CA LYS B 82 11.86 27.30 -19.77
C LYS B 82 11.79 26.40 -18.55
N VAL B 83 11.34 25.15 -18.73
CA VAL B 83 11.14 24.31 -17.55
C VAL B 83 12.46 23.79 -17.00
N THR B 84 13.38 23.40 -17.88
CA THR B 84 14.71 23.02 -17.41
C THR B 84 15.37 24.18 -16.68
N SER B 85 15.19 25.41 -17.18
CA SER B 85 15.72 26.59 -16.49
C SER B 85 15.08 26.74 -15.12
N ALA B 86 13.75 26.58 -15.05
CA ALA B 86 13.05 26.72 -13.78
C ALA B 86 13.56 25.73 -12.75
N MET B 87 14.01 24.55 -13.19
CA MET B 87 14.57 23.60 -12.23
C MET B 87 15.68 24.24 -11.41
N GLN B 88 16.79 24.59 -12.07
CA GLN B 88 17.92 25.14 -11.33
C GLN B 88 17.67 26.55 -10.86
N THR B 89 16.68 27.25 -11.42
CA THR B 89 16.35 28.57 -10.88
C THR B 89 15.75 28.43 -9.49
N MET B 90 14.75 27.57 -9.35
CA MET B 90 14.25 27.22 -8.03
C MET B 90 15.38 26.73 -7.14
N LEU B 91 16.28 25.92 -7.70
CA LEU B 91 17.43 25.44 -6.93
C LEU B 91 18.23 26.58 -6.34
N PHE B 92 18.77 27.45 -7.21
CA PHE B 92 19.65 28.53 -6.76
C PHE B 92 18.92 29.50 -5.85
N THR B 93 17.62 29.72 -6.07
CA THR B 93 16.96 30.68 -5.20
C THR B 93 16.66 30.08 -3.83
N MET B 94 16.35 28.79 -3.76
CA MET B 94 16.27 28.14 -2.47
C MET B 94 17.64 28.16 -1.79
N LEU B 95 18.70 28.03 -2.59
CA LEU B 95 20.05 28.16 -2.06
C LEU B 95 20.24 29.53 -1.40
N ARG B 96 19.91 30.60 -2.12
CA ARG B 96 20.05 31.94 -1.56
C ARG B 96 19.20 32.09 -0.31
N LYS B 97 17.95 31.61 -0.36
CA LYS B 97 17.08 31.64 0.81
C LYS B 97 17.70 30.90 1.99
N LEU B 98 18.62 29.98 1.74
CA LEU B 98 19.38 29.38 2.83
C LEU B 98 20.79 29.92 2.97
N ASP B 99 21.43 30.30 1.86
CA ASP B 99 22.88 30.48 1.79
C ASP B 99 23.44 31.13 3.05
N ASN B 100 24.37 30.42 3.69
CA ASN B 100 24.89 30.84 4.98
C ASN B 100 26.22 30.15 5.21
N ASP B 101 26.70 30.21 6.45
CA ASP B 101 27.95 29.60 6.84
C ASP B 101 27.83 28.64 8.01
N ALA B 102 26.73 28.68 8.78
CA ALA B 102 26.47 27.61 9.73
C ALA B 102 26.30 26.29 9.01
N LEU B 103 25.68 26.32 7.82
CA LEU B 103 25.73 25.17 6.93
C LEU B 103 27.18 24.78 6.64
N ASN B 104 27.99 25.75 6.22
CA ASN B 104 29.41 25.50 6.04
C ASN B 104 30.07 25.10 7.36
N ASN B 105 29.52 25.54 8.49
CA ASN B 105 30.07 25.15 9.77
C ASN B 105 29.80 23.68 10.07
N ILE B 106 28.74 23.12 9.50
CA ILE B 106 28.47 21.70 9.67
C ILE B 106 29.23 20.85 8.64
N ILE B 107 29.40 21.35 7.42
CA ILE B 107 29.98 20.51 6.38
C ILE B 107 31.44 20.16 6.71
N ASN B 108 32.17 21.07 7.34
CA ASN B 108 33.56 20.80 7.68
C ASN B 108 33.68 19.91 8.90
N ASN B 109 32.64 19.82 9.73
CA ASN B 109 32.67 18.97 10.91
C ASN B 109 32.62 17.50 10.56
N ALA B 110 32.50 17.14 9.29
CA ALA B 110 32.33 15.76 8.88
C ALA B 110 33.29 15.39 7.74
N ARG B 111 33.04 14.23 7.12
CA ARG B 111 33.87 13.72 6.04
C ARG B 111 33.59 14.47 4.75
N ASP B 112 33.98 13.90 3.62
CA ASP B 112 33.91 14.57 2.32
C ASP B 112 32.55 15.21 2.06
N GLY B 113 31.55 14.84 2.85
CA GLY B 113 30.29 15.54 2.82
C GLY B 113 29.06 14.69 3.01
N CYS B 114 29.19 13.37 2.88
CA CYS B 114 28.02 12.52 2.98
C CYS B 114 27.41 12.66 4.36
N VAL B 115 26.28 13.36 4.43
CA VAL B 115 25.57 13.59 5.69
C VAL B 115 24.08 13.44 5.39
N PRO B 116 23.29 12.84 6.29
CA PRO B 116 21.87 12.65 6.01
C PRO B 116 21.16 13.97 5.76
N LEU B 117 20.30 14.01 4.74
CA LEU B 117 19.52 15.20 4.47
C LEU B 117 18.37 15.37 5.46
N ASN B 118 18.10 14.38 6.30
CA ASN B 118 17.11 14.53 7.36
C ASN B 118 17.67 15.23 8.59
N ILE B 119 18.73 16.01 8.44
CA ILE B 119 19.23 16.81 9.55
C ILE B 119 19.50 18.26 9.17
N ILE B 120 19.55 18.62 7.90
CA ILE B 120 20.03 19.95 7.53
C ILE B 120 19.08 21.05 8.03
N PRO B 121 17.81 21.11 7.61
CA PRO B 121 16.94 22.16 8.14
C PRO B 121 16.75 22.06 9.65
N LEU B 122 16.98 20.89 10.22
CA LEU B 122 16.92 20.74 11.68
C LEU B 122 17.92 21.64 12.38
N THR B 123 19.00 22.03 11.72
CA THR B 123 20.04 22.85 12.32
C THR B 123 20.12 24.23 11.69
N THR B 124 20.31 24.31 10.37
CA THR B 124 20.58 25.57 9.71
C THR B 124 19.31 26.33 9.34
N ALA B 125 18.22 26.10 10.07
CA ALA B 125 17.00 26.85 9.87
C ALA B 125 16.56 27.47 11.20
N ALA B 126 15.85 28.60 11.10
CA ALA B 126 15.44 29.35 12.29
C ALA B 126 14.01 29.86 12.15
N LYS B 127 13.15 29.15 11.44
CA LYS B 127 11.80 29.61 11.16
C LYS B 127 10.80 28.47 11.38
N LEU B 128 10.93 27.78 12.51
CA LEU B 128 10.11 26.61 12.79
C LEU B 128 8.62 26.94 12.65
N MET B 129 7.88 26.02 12.04
CA MET B 129 6.43 26.14 11.86
C MET B 129 5.78 24.89 12.42
N VAL B 130 4.93 25.06 13.43
CA VAL B 130 4.27 23.95 14.10
C VAL B 130 2.76 24.10 13.92
N VAL B 131 2.11 22.99 13.60
CA VAL B 131 0.67 22.93 13.39
C VAL B 131 0.07 22.17 14.57
N ILE B 132 -0.58 22.86 15.48
CA ILE B 132 -1.04 22.28 16.74
C ILE B 132 -2.53 22.00 16.62
N PRO B 133 -2.98 20.74 16.77
CA PRO B 133 -4.34 20.37 16.37
C PRO B 133 -5.44 20.83 17.30
N ASP B 134 -5.23 20.70 18.61
CA ASP B 134 -6.29 20.94 19.58
C ASP B 134 -5.66 21.42 20.88
N TYR B 135 -6.42 21.36 21.97
CA TYR B 135 -5.93 21.86 23.25
C TYR B 135 -4.94 20.89 23.89
N ASN B 136 -5.35 19.64 24.10
CA ASN B 136 -4.62 18.71 24.96
C ASN B 136 -3.18 18.51 24.53
N THR B 137 -2.80 18.91 23.32
CA THR B 137 -1.39 18.89 22.93
C THR B 137 -0.71 20.25 23.10
N TYR B 138 -1.45 21.35 22.96
CA TYR B 138 -0.89 22.68 23.23
C TYR B 138 -0.43 22.83 24.67
N LYS B 139 -0.73 21.86 25.54
CA LYS B 139 -0.33 21.87 26.93
C LYS B 139 0.85 20.95 27.22
N ASN B 140 0.84 19.74 26.66
CA ASN B 140 1.97 18.83 26.79
C ASN B 140 3.09 19.14 25.81
N THR B 141 2.93 20.17 24.99
CA THR B 141 3.85 20.48 23.91
C THR B 141 3.87 22.00 23.76
N CYS B 142 4.28 22.49 22.59
CA CYS B 142 4.58 23.90 22.33
C CYS B 142 3.65 24.83 23.11
N ASP B 143 4.25 25.79 23.80
CA ASP B 143 3.54 26.61 24.77
C ASP B 143 3.87 28.08 24.58
N GLY B 144 3.53 28.91 25.57
CA GLY B 144 3.85 30.32 25.54
C GLY B 144 5.03 30.68 26.41
N THR B 146 8.14 31.33 25.33
CA THR B 146 9.19 30.66 24.58
C THR B 146 9.14 29.16 24.82
N PHE B 147 9.80 28.40 23.95
CA PHE B 147 9.83 26.95 24.08
C PHE B 147 11.08 26.40 23.40
N THR B 148 11.43 25.17 23.76
CA THR B 148 12.64 24.54 23.24
C THR B 148 12.25 23.29 22.44
N TYR B 149 12.88 23.13 21.28
CA TYR B 149 12.64 21.99 20.41
C TYR B 149 13.81 21.89 19.45
N ALA B 150 14.19 20.65 19.13
CA ALA B 150 15.37 20.36 18.32
C ALA B 150 16.65 20.82 19.01
N SER B 151 16.66 20.69 20.34
CA SER B 151 17.79 21.10 21.17
C SER B 151 18.20 22.54 20.87
N ALA B 152 17.19 23.40 20.80
CA ALA B 152 17.40 24.82 20.58
C ALA B 152 16.43 25.58 21.45
N LEU B 153 16.26 26.87 21.17
CA LEU B 153 15.29 27.70 21.86
C LEU B 153 14.39 28.37 20.82
N TRP B 154 13.12 28.51 21.15
CA TRP B 154 12.16 29.10 20.24
C TRP B 154 11.23 30.03 21.01
N GLU B 155 11.28 31.32 20.70
CA GLU B 155 10.35 32.29 21.23
C GLU B 155 9.22 32.48 20.22
N ILE B 156 7.99 32.22 20.66
CA ILE B 156 6.86 32.17 19.73
C ILE B 156 6.63 33.56 19.14
N GLN B 157 6.74 33.66 17.82
CA GLN B 157 6.38 34.87 17.10
C GLN B 157 4.90 34.81 16.74
N GLN B 158 4.46 35.64 15.80
CA GLN B 158 3.06 35.71 15.40
C GLN B 158 2.45 34.33 15.21
N VAL B 159 1.21 34.18 15.67
CA VAL B 159 0.49 32.90 15.64
C VAL B 159 -0.80 33.10 14.86
N VAL B 160 -1.19 32.08 14.10
CA VAL B 160 -2.34 32.15 13.21
C VAL B 160 -3.09 30.83 13.27
N ASP B 161 -4.42 30.89 13.10
CA ASP B 161 -5.29 29.73 13.18
C ASP B 161 -5.56 29.14 11.80
N ALA B 162 -6.30 28.03 11.78
CA ALA B 162 -6.55 27.29 10.56
C ALA B 162 -7.28 28.11 9.50
N ASP B 163 -7.83 29.26 9.87
CA ASP B 163 -8.52 30.13 8.92
C ASP B 163 -7.63 31.29 8.47
N SER B 164 -6.32 31.18 8.69
CA SER B 164 -5.36 32.21 8.30
C SER B 164 -5.61 33.53 9.01
N LYS B 165 -6.11 33.48 10.24
CA LYS B 165 -6.40 34.67 11.01
C LYS B 165 -5.55 34.72 12.27
N ILE B 166 -5.30 35.94 12.75
CA ILE B 166 -4.35 36.16 13.84
C ILE B 166 -4.99 35.77 15.17
N VAL B 167 -4.19 35.17 16.05
CA VAL B 167 -4.64 34.69 17.34
C VAL B 167 -3.73 35.26 18.42
N GLN B 168 -4.31 35.60 19.57
CA GLN B 168 -3.55 36.00 20.74
C GLN B 168 -3.46 34.86 21.73
N LEU B 169 -2.35 34.81 22.46
CA LEU B 169 -1.98 33.61 23.20
C LEU B 169 -2.90 33.38 24.40
N SER B 170 -3.49 34.44 24.95
CA SER B 170 -4.33 34.28 26.14
C SER B 170 -5.54 33.40 25.87
N GLU B 171 -6.00 33.36 24.62
CA GLU B 171 -7.18 32.57 24.27
C GLU B 171 -6.96 31.08 24.46
N ILE B 172 -5.73 30.59 24.34
CA ILE B 172 -5.48 29.15 24.33
C ILE B 172 -5.60 28.67 25.78
N SER B 173 -6.78 28.19 26.12
CA SER B 173 -7.07 27.62 27.43
C SER B 173 -8.36 26.83 27.33
N MET B 174 -8.63 26.02 28.34
CA MET B 174 -9.81 25.16 28.32
C MET B 174 -11.10 25.93 28.14
N ASP B 175 -11.11 27.23 28.45
CA ASP B 175 -12.34 28.00 28.38
C ASP B 175 -12.72 28.35 26.95
N ASN B 176 -11.88 29.14 26.28
CA ASN B 176 -12.19 29.64 24.94
C ASN B 176 -11.71 28.71 23.84
N SER B 177 -11.25 27.51 24.18
CA SER B 177 -10.76 26.59 23.15
C SER B 177 -11.79 26.24 22.09
N PRO B 178 -13.08 25.98 22.40
CA PRO B 178 -14.00 25.56 21.34
C PRO B 178 -14.42 26.69 20.42
N ASN B 179 -13.72 27.82 20.47
CA ASN B 179 -14.12 28.99 19.70
C ASN B 179 -13.07 29.45 18.68
N LEU B 180 -12.01 28.67 18.52
CA LEU B 180 -10.93 29.05 17.59
C LEU B 180 -10.79 28.00 16.50
N ALA B 181 -10.36 28.42 15.31
CA ALA B 181 -10.10 27.45 14.25
C ALA B 181 -9.01 26.57 14.82
N TRP B 182 -9.25 25.27 14.89
CA TRP B 182 -8.29 24.41 15.58
C TRP B 182 -6.80 24.31 15.21
N PRO B 183 -6.45 23.88 13.97
CA PRO B 183 -5.00 23.87 13.69
C PRO B 183 -4.31 25.20 13.94
N LEU B 184 -3.52 25.28 15.00
CA LEU B 184 -2.87 26.54 15.35
C LEU B 184 -1.47 26.57 14.80
N ILE B 185 -1.27 27.30 13.71
CA ILE B 185 0.06 27.39 13.11
C ILE B 185 0.93 28.47 13.76
N VAL B 186 2.04 28.06 14.37
CA VAL B 186 2.95 29.01 14.99
C VAL B 186 4.03 29.40 13.98
N THR B 187 4.77 30.47 14.26
CA THR B 187 5.82 30.95 13.37
C THR B 187 7.05 31.29 14.20
N ALA B 188 7.46 30.36 15.06
CA ALA B 188 8.53 30.61 16.02
C ALA B 188 9.85 30.89 15.32
N LEU B 189 10.78 31.47 16.09
CA LEU B 189 12.14 31.78 15.67
C LEU B 189 13.12 31.12 16.62
N ARG B 190 14.39 31.04 16.20
CA ARG B 190 15.41 30.36 16.98
C ARG B 190 16.06 31.31 17.97
N ALA B 191 16.22 30.85 19.20
CA ALA B 191 16.84 31.64 20.25
C ALA B 191 17.99 30.89 20.89
N LYS C 2 -39.78 8.55 1.12
CA LYS C 2 -39.28 9.08 -0.14
C LYS C 2 -37.87 9.61 0.04
N MET C 3 -36.97 8.73 0.47
CA MET C 3 -35.59 9.14 0.71
C MET C 3 -34.90 9.61 -0.56
N SER C 4 -35.39 9.21 -1.74
CA SER C 4 -34.76 9.64 -2.97
C SER C 4 -34.78 11.15 -3.11
N ASP C 5 -35.96 11.75 -2.97
CA ASP C 5 -36.05 13.19 -3.08
C ASP C 5 -35.27 13.89 -1.98
N VAL C 6 -35.22 13.31 -0.78
CA VAL C 6 -34.52 13.99 0.31
C VAL C 6 -33.02 13.97 0.08
N LYS C 7 -32.47 12.86 -0.44
CA LYS C 7 -31.05 12.82 -0.75
C LYS C 7 -30.71 13.79 -1.87
N CYS C 8 -31.54 13.82 -2.91
CA CYS C 8 -31.27 14.74 -4.01
C CYS C 8 -31.34 16.20 -3.54
N THR C 9 -32.34 16.52 -2.72
CA THR C 9 -32.46 17.88 -2.20
C THR C 9 -31.26 18.24 -1.33
N SER C 10 -30.80 17.31 -0.50
CA SER C 10 -29.65 17.60 0.34
C SER C 10 -28.40 17.85 -0.50
N VAL C 11 -28.25 17.10 -1.59
CA VAL C 11 -27.10 17.30 -2.46
C VAL C 11 -27.16 18.68 -3.09
N VAL C 12 -28.32 19.07 -3.62
CA VAL C 12 -28.38 20.38 -4.27
C VAL C 12 -28.24 21.50 -3.23
N LEU C 13 -28.68 21.26 -2.00
CA LEU C 13 -28.51 22.26 -0.94
C LEU C 13 -27.04 22.41 -0.57
N LEU C 14 -26.32 21.31 -0.41
CA LEU C 14 -24.90 21.41 -0.14
C LEU C 14 -24.16 22.06 -1.30
N SER C 15 -24.64 21.84 -2.53
CA SER C 15 -24.02 22.50 -3.68
C SER C 15 -24.20 24.01 -3.61
N VAL C 16 -25.42 24.48 -3.35
CA VAL C 16 -25.63 25.92 -3.28
C VAL C 16 -24.94 26.50 -2.04
N LEU C 17 -24.77 25.71 -0.99
CA LEU C 17 -24.03 26.17 0.18
C LEU C 17 -22.55 26.38 -0.15
N GLN C 18 -21.93 25.41 -0.82
CA GLN C 18 -20.54 25.58 -1.25
C GLN C 18 -20.42 26.74 -2.22
N GLN C 19 -21.43 26.95 -3.07
CA GLN C 19 -21.43 28.09 -3.96
C GLN C 19 -21.51 29.41 -3.20
N LEU C 20 -22.19 29.40 -2.04
CA LEU C 20 -22.31 30.61 -1.22
C LEU C 20 -20.97 31.08 -0.64
N ARG C 21 -19.91 30.30 -0.81
CA ARG C 21 -18.57 30.64 -0.31
C ARG C 21 -18.58 30.80 1.21
N VAL C 22 -18.92 29.70 1.89
CA VAL C 22 -18.97 29.66 3.34
C VAL C 22 -17.73 28.99 3.94
N GLU C 23 -16.71 28.72 3.12
CA GLU C 23 -15.50 28.02 3.53
C GLU C 23 -14.63 28.80 4.50
N SER C 24 -15.05 29.98 4.98
CA SER C 24 -14.23 30.73 5.93
C SER C 24 -14.03 29.93 7.21
N SER C 25 -15.12 29.69 7.95
CA SER C 25 -15.02 28.97 9.20
C SER C 25 -14.64 27.50 8.95
N SER C 26 -14.41 26.78 10.05
CA SER C 26 -13.99 25.39 9.99
C SER C 26 -15.02 24.44 10.59
N LYS C 27 -15.41 24.66 11.84
CA LYS C 27 -16.34 23.73 12.49
C LYS C 27 -17.72 23.79 11.87
N LEU C 28 -18.14 24.96 11.39
CA LEU C 28 -19.43 25.08 10.72
C LEU C 28 -19.47 24.19 9.48
N TRP C 29 -18.49 24.34 8.59
CA TRP C 29 -18.45 23.51 7.39
C TRP C 29 -18.20 22.05 7.71
N ALA C 30 -17.46 21.77 8.79
CA ALA C 30 -17.23 20.38 9.19
C ALA C 30 -18.54 19.71 9.57
N GLN C 31 -19.34 20.36 10.44
CA GLN C 31 -20.63 19.79 10.81
C GLN C 31 -21.59 19.78 9.63
N CYS C 32 -21.50 20.78 8.74
CA CYS C 32 -22.35 20.82 7.56
C CYS C 32 -22.12 19.59 6.68
N VAL C 33 -20.86 19.34 6.32
CA VAL C 33 -20.57 18.16 5.52
C VAL C 33 -20.80 16.89 6.33
N GLN C 34 -20.73 16.94 7.66
CA GLN C 34 -21.11 15.79 8.45
C GLN C 34 -22.58 15.44 8.22
N LEU C 35 -23.44 16.45 8.32
CA LEU C 35 -24.87 16.24 8.03
C LEU C 35 -25.08 15.75 6.61
N HIS C 36 -24.34 16.33 5.66
CA HIS C 36 -24.52 15.93 4.26
C HIS C 36 -24.11 14.48 4.04
N ASN C 37 -22.98 14.07 4.60
CA ASN C 37 -22.54 12.69 4.49
C ASN C 37 -23.49 11.75 5.22
N ASP C 38 -24.18 12.24 6.25
CA ASP C 38 -25.12 11.39 6.96
C ASP C 38 -26.53 11.40 6.35
N ILE C 39 -26.81 12.30 5.43
CA ILE C 39 -28.12 12.32 4.78
C ILE C 39 -28.02 11.64 3.43
N LEU C 40 -26.84 11.65 2.82
CA LEU C 40 -26.66 10.86 1.61
C LEU C 40 -26.62 9.38 1.92
N LEU C 41 -26.27 9.01 3.14
CA LEU C 41 -26.42 7.65 3.63
C LEU C 41 -27.58 7.67 4.61
N ALA C 42 -28.77 7.35 4.09
CA ALA C 42 -30.00 7.40 4.87
C ALA C 42 -30.72 6.07 4.77
N LYS C 43 -31.09 5.51 5.92
CA LYS C 43 -31.93 4.34 5.98
C LYS C 43 -33.38 4.66 6.30
N ASP C 44 -33.63 5.79 6.95
CA ASP C 44 -34.97 6.23 7.31
C ASP C 44 -35.23 7.60 6.69
N THR C 45 -36.49 7.88 6.38
CA THR C 45 -36.81 9.12 5.69
C THR C 45 -36.98 10.28 6.67
N THR C 46 -37.37 9.99 7.92
CA THR C 46 -37.55 11.06 8.89
C THR C 46 -36.22 11.52 9.48
N GLU C 47 -35.27 10.60 9.70
CA GLU C 47 -33.94 11.01 10.11
C GLU C 47 -33.34 11.97 9.09
N ALA C 48 -33.38 11.59 7.81
CA ALA C 48 -32.99 12.49 6.74
C ALA C 48 -33.78 13.79 6.81
N PHE C 49 -35.04 13.72 7.22
CA PHE C 49 -35.85 14.92 7.38
C PHE C 49 -35.24 15.86 8.43
N GLU C 50 -34.89 15.30 9.58
CA GLU C 50 -34.32 16.12 10.65
C GLU C 50 -32.98 16.71 10.25
N LYS C 51 -32.11 15.89 9.65
CA LYS C 51 -30.81 16.41 9.23
C LYS C 51 -30.98 17.50 8.18
N MET C 52 -31.91 17.30 7.24
CA MET C 52 -32.14 18.28 6.18
C MET C 52 -32.64 19.59 6.75
N VAL C 53 -33.60 19.52 7.67
CA VAL C 53 -34.15 20.77 8.20
C VAL C 53 -33.13 21.47 9.09
N SER C 54 -32.34 20.71 9.84
CA SER C 54 -31.30 21.33 10.65
C SER C 54 -30.23 21.95 9.78
N LEU C 55 -29.98 21.38 8.60
CA LEU C 55 -28.95 21.93 7.72
C LEU C 55 -29.47 23.12 6.93
N LEU C 56 -30.78 23.19 6.68
CA LEU C 56 -31.32 24.26 5.85
C LEU C 56 -30.98 25.64 6.41
N SER C 57 -31.04 25.79 7.73
CA SER C 57 -30.69 27.06 8.35
C SER C 57 -29.18 27.19 8.51
N THR D 84 -28.59 27.58 -8.04
CA THR D 84 -29.60 26.54 -8.19
C THR D 84 -30.96 27.06 -7.77
N SER D 85 -31.75 27.53 -8.76
CA SER D 85 -33.08 28.04 -8.48
C SER D 85 -34.11 26.95 -8.28
N ALA D 86 -33.89 25.75 -8.82
CA ALA D 86 -34.81 24.64 -8.63
C ALA D 86 -34.82 24.11 -7.21
N MET D 87 -33.93 24.62 -6.33
CA MET D 87 -33.95 24.21 -4.94
C MET D 87 -35.30 24.49 -4.31
N GLN D 88 -35.84 25.69 -4.52
CA GLN D 88 -37.18 25.99 -4.02
C GLN D 88 -38.22 25.11 -4.68
N THR D 89 -38.01 24.77 -5.96
CA THR D 89 -38.96 23.93 -6.67
C THR D 89 -39.09 22.56 -6.01
N MET D 90 -37.96 21.97 -5.60
CA MET D 90 -38.03 20.70 -4.91
C MET D 90 -38.38 20.85 -3.44
N LEU D 91 -38.13 22.03 -2.85
CA LEU D 91 -38.55 22.27 -1.48
C LEU D 91 -40.05 22.40 -1.36
N PHE D 92 -40.74 22.81 -2.43
CA PHE D 92 -42.21 22.78 -2.39
C PHE D 92 -42.72 21.37 -2.15
N THR D 93 -42.28 20.41 -2.97
CA THR D 93 -42.70 19.03 -2.78
C THR D 93 -42.19 18.47 -1.47
N MET D 94 -41.03 18.94 -1.01
CA MET D 94 -40.54 18.53 0.30
C MET D 94 -41.50 18.96 1.40
N LEU D 95 -41.89 20.24 1.40
CA LEU D 95 -42.81 20.76 2.40
C LEU D 95 -44.18 20.11 2.28
N ARG D 96 -44.54 19.65 1.08
CA ARG D 96 -45.82 18.99 0.90
C ARG D 96 -45.97 17.74 1.77
N LYS D 97 -44.86 17.21 2.29
CA LYS D 97 -44.93 16.03 3.14
C LYS D 97 -44.02 16.11 4.35
N LEU D 98 -43.61 17.30 4.77
CA LEU D 98 -42.72 17.44 5.91
C LEU D 98 -43.24 18.37 7.00
N ASP D 99 -43.85 19.49 6.62
CA ASP D 99 -44.25 20.54 7.55
C ASP D 99 -43.07 21.11 8.33
N ASN D 100 -41.85 20.98 7.80
CA ASN D 100 -40.62 21.55 8.36
C ASN D 100 -40.57 21.37 9.88
N ASP D 101 -40.56 20.10 10.30
CA ASP D 101 -40.69 19.75 11.72
C ASP D 101 -39.84 20.62 12.64
N ALA D 102 -38.55 20.78 12.34
CA ALA D 102 -37.70 21.57 13.21
C ALA D 102 -37.93 23.07 13.03
N LEU D 103 -38.17 23.52 11.79
CA LEU D 103 -38.54 24.92 11.61
C LEU D 103 -39.87 25.21 12.28
N ASN D 104 -40.78 24.25 12.26
CA ASN D 104 -42.04 24.41 12.99
C ASN D 104 -41.79 24.46 14.49
N ASN D 105 -40.84 23.67 14.99
CA ASN D 105 -40.52 23.73 16.42
C ASN D 105 -39.93 25.09 16.77
N ILE D 106 -39.13 25.67 15.88
CA ILE D 106 -38.55 26.98 16.14
C ILE D 106 -39.62 28.06 16.11
N ILE D 107 -40.53 28.01 15.13
CA ILE D 107 -41.62 28.96 15.11
C ILE D 107 -42.54 28.75 16.32
N ASN D 108 -42.59 27.54 16.85
CA ASN D 108 -43.36 27.27 18.06
C ASN D 108 -42.71 27.94 19.26
N ASN D 109 -41.41 27.68 19.47
CA ASN D 109 -40.68 28.35 20.53
C ASN D 109 -40.78 29.87 20.41
N ALA D 110 -40.89 30.38 19.18
CA ALA D 110 -41.16 31.80 18.99
C ALA D 110 -42.60 32.15 19.33
N ARG D 111 -43.51 31.19 19.23
CA ARG D 111 -44.92 31.46 19.50
C ARG D 111 -45.23 31.50 20.99
N ASP D 112 -44.44 30.82 21.81
CA ASP D 112 -44.65 30.84 23.26
C ASP D 112 -44.20 32.15 23.90
N GLY D 113 -43.88 33.17 23.12
CA GLY D 113 -43.35 34.39 23.67
C GLY D 113 -41.96 34.27 24.24
N CYS D 114 -41.27 33.15 23.98
CA CYS D 114 -39.92 32.91 24.48
C CYS D 114 -38.86 33.20 23.42
N VAL D 115 -39.09 34.21 22.58
CA VAL D 115 -38.19 34.56 21.50
C VAL D 115 -36.80 34.85 22.06
N PRO D 116 -35.82 34.00 21.79
CA PRO D 116 -34.48 34.20 22.36
C PRO D 116 -33.76 35.41 21.78
N LEU D 117 -32.57 35.69 22.28
CA LEU D 117 -31.78 36.78 21.72
C LEU D 117 -31.25 36.44 20.34
N ASN D 118 -30.94 35.17 20.10
CA ASN D 118 -30.52 34.69 18.79
C ASN D 118 -31.15 33.34 18.53
N ILE D 119 -31.08 32.91 17.27
CA ILE D 119 -31.60 31.59 16.92
C ILE D 119 -30.78 30.53 17.65
N ILE D 120 -31.46 29.65 18.36
CA ILE D 120 -30.77 28.61 19.13
C ILE D 120 -30.20 27.57 18.17
N PRO D 121 -28.96 27.10 18.38
CA PRO D 121 -28.40 26.06 17.50
C PRO D 121 -29.29 24.83 17.42
N LEU D 122 -29.68 24.45 16.21
CA LEU D 122 -30.62 23.37 16.01
C LEU D 122 -30.02 22.02 16.39
N MET D 129 -29.67 34.01 23.98
CA MET D 129 -30.20 32.71 24.35
C MET D 129 -31.69 32.81 24.68
N VAL D 130 -32.31 31.66 24.96
CA VAL D 130 -33.72 31.65 25.30
C VAL D 130 -33.94 32.42 26.59
N VAL D 131 -34.77 33.46 26.51
CA VAL D 131 -35.04 34.35 27.64
C VAL D 131 -36.46 34.11 28.13
N ILE D 132 -36.63 34.13 29.46
CA ILE D 132 -37.92 33.92 30.10
C ILE D 132 -38.54 32.58 29.67
C9 GO3 E . -14.02 6.11 -25.80
C10 GO3 E . -13.42 7.24 -24.88
C11 GO3 E . -15.11 4.09 -27.55
C12 GO3 E . -12.20 8.99 -23.06
C13 GO3 E . -13.83 3.95 -27.11
C14 GO3 E . -13.13 9.50 -23.93
C15 GO3 E . -15.79 3.19 -28.41
C16 GO3 E . -11.55 9.81 -22.10
C17 GO3 E . -15.32 6.16 -26.33
C18 GO3 E . -12.36 6.83 -23.99
C19 GO3 E . -17.23 3.50 -28.80
C20 GO3 E . -10.45 9.16 -21.24
C21 GO3 E . -13.28 4.96 -26.22
C22 GO3 E . -13.74 8.60 -24.87
C23 GO3 E . -15.85 5.21 -27.15
C24 GO3 E . -11.78 7.67 -23.11
C25 GO3 E . -13.14 2.76 -27.57
C26 GO3 E . -13.48 10.90 -23.80
C27 GO3 E . -15.10 2.06 -28.84
C28 GO3 E . -11.83 11.17 -22.05
C29 GO3 E . -13.79 1.89 -28.42
C30 GO3 E . -12.82 11.69 -22.86
C31 GO3 E . -16.33 7.23 -26.07
C32 GO3 E . -11.67 5.47 -23.76
C33 GO3 E . -18.27 2.53 -28.24
C34 GO3 E . -17.44 3.83 -30.28
C35 GO3 E . -9.02 9.65 -21.54
C36 GO3 E . -10.77 9.05 -19.75
C37 GO3 E . -11.70 2.34 -27.26
C38 GO3 E . -14.51 11.69 -24.60
O1 GO3 E . -11.97 4.80 -25.76
O2 GO3 E . -14.77 9.00 -25.73
O3 GO3 E . -15.67 1.10 -29.68
O4 GO3 E . -11.24 12.05 -21.12
O5 GO3 E . -13.08 0.77 -28.82
O6 GO3 E . -13.16 13.04 -22.76
O7 GO3 E . -11.45 1.87 -26.19
O8 GO3 E . -14.35 12.35 -25.56
C9 GO3 F . -6.45 16.80 -12.68
C10 GO3 F . -5.51 17.57 -11.66
C11 GO3 F . -8.11 15.48 -14.63
C12 GO3 F . -3.59 18.99 -10.21
C13 GO3 F . -6.88 14.97 -14.37
C14 GO3 F . -4.80 18.76 -9.63
C15 GO3 F . -9.05 14.95 -15.55
C16 GO3 F . -2.56 19.71 -9.54
C17 GO3 F . -7.73 17.24 -13.04
C18 GO3 F . -4.24 17.96 -12.23
C19 GO3 F . -10.40 15.65 -15.71
C20 GO3 F . -1.28 20.02 -10.33
C21 GO3 F . -6.04 15.63 -13.39
C22 GO3 F . -5.78 18.03 -10.38
C23 GO3 F . -8.52 16.63 -13.95
C24 GO3 F . -3.32 18.65 -11.53
C25 GO3 F . -6.53 13.78 -15.12
C26 GO3 F . -4.96 19.17 -8.25
C27 GO3 F . -8.69 13.81 -16.25
C28 GO3 F . -2.78 20.19 -8.24
C29 GO3 F . -7.44 13.27 -16.04
C30 GO3 F . -3.96 19.87 -7.60
C31 GO3 F . -8.42 18.44 -12.46
C32 GO3 F . -3.61 17.74 -13.62
C33 GO3 F . -11.60 14.85 -15.21
C34 GO3 F . -10.62 16.32 -17.07
C35 GO3 F . -1.06 21.50 -10.65
C36 GO3 F . -0.02 19.31 -9.81
C37 GO3 F . -5.23 12.98 -15.07
C38 GO3 F . -6.20 18.97 -7.36
O1 GO3 F . -4.78 15.08 -13.12
O2 GO3 F . -7.02 17.63 -9.82
O3 GO3 F . -9.54 13.20 -17.19
O4 GO3 F . -1.80 20.87 -7.50
O5 GO3 F . -7.05 12.12 -16.72
O6 GO3 F . -4.16 20.30 -6.28
O7 GO3 F . -4.37 12.84 -15.87
O8 GO3 F . -7.23 19.54 -7.27
#